data_2V7T
#
_entry.id   2V7T
#
_cell.length_a   76.279
_cell.length_b   127.811
_cell.length_c   182.805
_cell.angle_alpha   90.00
_cell.angle_beta   90.00
_cell.angle_gamma   90.00
#
_symmetry.space_group_name_H-M   'C 2 2 21'
#
loop_
_entity.id
_entity.type
_entity.pdbx_description
1 polymer "5'-FLUORO-5'-DEOXYADENOSINE SYNTHASE"
2 non-polymer S-ADENOSYL-L-HOMOCYSTEINE
3 non-polymer 'CHLORIDE ION'
4 water water
#
_entity_poly.entity_id   1
_entity_poly.type   'polypeptide(L)'
_entity_poly.pdbx_seq_one_letter_code
;MAANSTRRPIIAFMSDLGTTDDSVAQCKGLMYSICPDVTVVDVCHSMTPWDVEEGARYIVDLPRFFPEGTVFATTTYPAT
GTTTRSVAVRIKQAAKGGARGQWAGSGAGFERAEGSYIYIAPNNGLLTTVLEEHGYLEAYEVTSPKVIPEQPEPTFYGRE
MVAIPSAHLAAGFPLSEVGRPLEDHEIVRFNRPAVEQDGEALVGVVSAIDHPFGNVWTNIHRTDLEKAGIGYGARLRLTL
DGVLPFEAPLTPTFADAGEIGNIAIYLNSRGYLSIARNAASLAYPYHLKEGMSARVEAR
;
_entity_poly.pdbx_strand_id   A,B,C
#
# COMPACT_ATOMS: atom_id res chain seq x y z
N ARG A 8 7.95 13.01 -16.56
CA ARG A 8 7.03 12.71 -17.70
C ARG A 8 6.70 11.22 -17.83
N PRO A 9 7.73 10.34 -17.91
CA PRO A 9 7.43 8.92 -18.11
C PRO A 9 6.75 8.28 -16.89
N ILE A 10 5.84 7.33 -17.15
CA ILE A 10 5.16 6.60 -16.10
C ILE A 10 5.31 5.11 -16.32
N ILE A 11 5.64 4.40 -15.25
CA ILE A 11 5.54 2.93 -15.19
C ILE A 11 4.45 2.55 -14.20
N ALA A 12 3.48 1.78 -14.67
CA ALA A 12 2.41 1.26 -13.79
C ALA A 12 2.68 -0.21 -13.52
N PHE A 13 2.88 -0.54 -12.25
CA PHE A 13 3.52 -1.75 -11.81
C PHE A 13 2.49 -2.63 -11.07
N MET A 14 2.25 -3.81 -11.62
CA MET A 14 1.33 -4.79 -11.05
C MET A 14 2.11 -6.07 -10.86
N SER A 15 2.22 -6.55 -9.61
CA SER A 15 2.96 -7.78 -9.33
C SER A 15 2.26 -8.67 -8.29
N ASP A 16 2.84 -9.86 -8.05
CA ASP A 16 2.38 -10.77 -6.99
C ASP A 16 3.34 -10.74 -5.79
N LEU A 17 4.10 -9.64 -5.65
CA LEU A 17 5.17 -9.51 -4.63
C LEU A 17 4.68 -9.21 -3.22
N GLY A 18 3.45 -8.70 -3.12
CA GLY A 18 2.87 -8.27 -1.83
C GLY A 18 3.50 -6.97 -1.33
N THR A 19 3.11 -6.56 -0.13
CA THR A 19 3.56 -5.32 0.49
C THR A 19 3.96 -5.61 1.94
N THR A 20 4.41 -6.83 2.21
CA THR A 20 4.85 -7.21 3.54
C THR A 20 6.37 -7.23 3.71
N ASP A 21 7.12 -6.98 2.62
CA ASP A 21 8.56 -6.81 2.69
C ASP A 21 9.02 -5.77 1.66
N ASP A 22 10.34 -5.62 1.51
CA ASP A 22 10.94 -4.62 0.61
C ASP A 22 11.03 -5.01 -0.88
N SER A 23 10.40 -6.11 -1.29
CA SER A 23 10.54 -6.62 -2.67
C SER A 23 10.18 -5.59 -3.75
N VAL A 24 9.02 -4.96 -3.62
CA VAL A 24 8.54 -3.94 -4.55
C VAL A 24 9.45 -2.70 -4.52
N ALA A 25 9.90 -2.31 -3.33
CA ALA A 25 10.87 -1.24 -3.16
C ALA A 25 12.20 -1.48 -3.92
N GLN A 26 12.66 -2.74 -3.99
CA GLN A 26 13.87 -3.06 -4.74
C GLN A 26 13.67 -2.81 -6.24
N CYS A 27 12.52 -3.22 -6.77
CA CYS A 27 12.17 -2.97 -8.17
C CYS A 27 12.09 -1.46 -8.47
N LYS A 28 11.41 -0.72 -7.60
CA LYS A 28 11.31 0.73 -7.71
C LYS A 28 12.66 1.43 -7.71
N GLY A 29 13.56 1.01 -6.81
CA GLY A 29 14.91 1.53 -6.76
C GLY A 29 15.60 1.40 -8.09
N LEU A 30 15.48 0.23 -8.73
CA LEU A 30 16.07 0.02 -10.04
C LEU A 30 15.38 0.87 -11.10
N MET A 31 14.06 1.03 -10.99
CA MET A 31 13.29 1.84 -11.94
C MET A 31 13.73 3.31 -11.95
N TYR A 32 13.86 3.90 -10.75
CA TYR A 32 14.43 5.25 -10.59
C TYR A 32 15.89 5.33 -10.99
N SER A 33 16.66 4.26 -10.78
CA SER A 33 18.07 4.24 -11.19
C SER A 33 18.17 4.37 -12.72
N ILE A 34 17.37 3.59 -13.42
CA ILE A 34 17.44 3.50 -14.87
C ILE A 34 16.78 4.71 -15.55
N CYS A 35 15.64 5.12 -15.03
CA CYS A 35 14.85 6.20 -15.61
C CYS A 35 14.61 7.29 -14.56
N PRO A 36 15.60 8.18 -14.33
CA PRO A 36 15.55 9.15 -13.22
C PRO A 36 14.26 9.99 -13.11
N ASP A 37 13.66 10.33 -14.25
CA ASP A 37 12.48 11.19 -14.32
C ASP A 37 11.17 10.44 -14.17
N VAL A 38 11.20 9.11 -14.06
CA VAL A 38 10.00 8.30 -14.07
C VAL A 38 9.11 8.55 -12.84
N THR A 39 7.84 8.27 -13.02
CA THR A 39 6.88 8.16 -11.94
C THR A 39 6.43 6.71 -11.93
N VAL A 40 6.61 6.03 -10.80
CA VAL A 40 6.12 4.66 -10.68
C VAL A 40 4.76 4.69 -9.96
N VAL A 41 3.74 4.14 -10.61
CA VAL A 41 2.39 4.07 -10.04
C VAL A 41 2.12 2.59 -9.70
N ASP A 42 1.84 2.31 -8.43
CA ASP A 42 1.42 0.96 -8.06
C ASP A 42 0.02 0.65 -8.61
N VAL A 43 -0.10 -0.46 -9.32
CA VAL A 43 -1.42 -0.92 -9.71
C VAL A 43 -2.00 -1.69 -8.53
N CYS A 44 -1.39 -2.83 -8.22
CA CYS A 44 -1.55 -3.53 -6.96
C CYS A 44 -0.55 -4.69 -6.88
N HIS A 45 -0.31 -5.19 -5.67
CA HIS A 45 0.69 -6.22 -5.46
C HIS A 45 0.12 -7.38 -4.67
N SER A 46 -1.21 -7.47 -4.69
CA SER A 46 -1.98 -8.34 -3.83
C SER A 46 -2.57 -9.57 -4.48
N MET A 47 -2.40 -9.70 -5.79
CA MET A 47 -2.97 -10.84 -6.51
C MET A 47 -2.53 -12.18 -5.89
N THR A 48 -3.40 -13.19 -6.00
CA THR A 48 -2.98 -14.57 -5.69
C THR A 48 -1.79 -14.94 -6.58
N PRO A 49 -0.62 -15.26 -5.98
CA PRO A 49 0.59 -15.72 -6.74
C PRO A 49 0.01 -16.72 -7.73
N TRP A 50 0.22 -16.58 -9.03
CA TRP A 50 0.72 -17.54 -10.03
C TRP A 50 -0.69 -17.71 -10.72
N ASP A 51 -1.67 -16.93 -10.25
CA ASP A 51 -3.01 -16.91 -10.85
C ASP A 51 -3.06 -15.88 -12.00
N VAL A 52 -2.69 -16.32 -13.20
CA VAL A 52 -2.57 -15.37 -14.33
C VAL A 52 -3.90 -14.76 -14.73
N GLU A 53 -4.99 -15.52 -14.56
CA GLU A 53 -6.33 -15.07 -14.89
C GLU A 53 -6.71 -13.89 -14.02
N GLU A 54 -6.32 -13.95 -12.75
CA GLU A 54 -6.63 -12.89 -11.80
C GLU A 54 -5.77 -11.65 -12.06
N GLY A 55 -4.47 -11.88 -12.26
CA GLY A 55 -3.58 -10.82 -12.68
C GLY A 55 -4.10 -10.06 -13.88
N ALA A 56 -4.58 -10.80 -14.89
CA ALA A 56 -5.11 -10.23 -16.13
C ALA A 56 -6.21 -9.23 -15.82
N ARG A 57 -7.08 -9.58 -14.87
CA ARG A 57 -8.19 -8.70 -14.47
C ARG A 57 -7.72 -7.34 -13.96
N TYR A 58 -6.58 -7.32 -13.30
CA TYR A 58 -6.04 -6.07 -12.74
C TYR A 58 -5.32 -5.18 -13.76
N ILE A 59 -5.13 -5.66 -14.98
CA ILE A 59 -4.33 -4.90 -15.93
C ILE A 59 -5.03 -4.56 -17.25
N VAL A 60 -6.11 -5.27 -17.54
CA VAL A 60 -6.71 -5.19 -18.85
C VAL A 60 -7.44 -3.86 -19.08
N ASP A 61 -7.94 -3.27 -18.00
CA ASP A 61 -8.76 -2.06 -18.04
C ASP A 61 -7.96 -0.76 -17.95
N LEU A 62 -6.64 -0.89 -17.72
CA LEU A 62 -5.78 0.27 -17.42
C LEU A 62 -5.52 1.35 -18.48
N PRO A 63 -5.31 0.97 -19.76
CA PRO A 63 -4.76 1.97 -20.71
C PRO A 63 -5.50 3.29 -20.81
N ARG A 64 -6.83 3.27 -20.91
CA ARG A 64 -7.58 4.50 -21.18
C ARG A 64 -7.49 5.52 -20.05
N PHE A 65 -7.08 5.06 -18.86
CA PHE A 65 -6.94 5.92 -17.69
C PHE A 65 -5.60 6.66 -17.66
N PHE A 66 -4.61 6.18 -18.41
CA PHE A 66 -3.23 6.66 -18.25
C PHE A 66 -2.77 7.54 -19.41
N PRO A 67 -1.82 8.47 -19.15
CA PRO A 67 -1.23 9.25 -20.27
C PRO A 67 -0.61 8.34 -21.35
N GLU A 68 -0.72 8.76 -22.62
CA GLU A 68 -0.09 8.03 -23.70
C GLU A 68 1.42 7.91 -23.43
N GLY A 69 2.00 6.76 -23.76
CA GLY A 69 3.43 6.54 -23.50
C GLY A 69 3.69 5.77 -22.22
N THR A 70 2.65 5.52 -21.43
CA THR A 70 2.75 4.76 -20.19
C THR A 70 3.19 3.32 -20.44
N VAL A 71 4.08 2.82 -19.59
CA VAL A 71 4.54 1.43 -19.71
C VAL A 71 3.89 0.64 -18.57
N PHE A 72 3.28 -0.52 -18.90
CA PHE A 72 2.69 -1.39 -17.87
C PHE A 72 3.63 -2.56 -17.59
N ALA A 73 4.21 -2.57 -16.38
CA ALA A 73 5.10 -3.64 -15.96
C ALA A 73 4.23 -4.58 -15.13
N THR A 74 3.97 -5.76 -15.68
CA THR A 74 2.97 -6.64 -15.08
C THR A 74 3.49 -8.05 -14.91
N THR A 75 3.50 -8.55 -13.68
CA THR A 75 4.16 -9.83 -13.42
C THR A 75 3.61 -10.73 -12.30
N THR A 76 3.41 -11.98 -12.67
CA THR A 76 3.52 -13.09 -11.73
C THR A 76 4.41 -14.10 -12.44
N TYR A 77 5.49 -14.53 -11.80
CA TYR A 77 6.55 -15.24 -12.53
C TYR A 77 6.88 -16.62 -11.95
N PRO A 78 5.91 -17.55 -11.90
CA PRO A 78 6.20 -18.88 -11.34
C PRO A 78 7.29 -19.66 -12.12
N ALA A 79 7.56 -19.26 -13.37
CA ALA A 79 8.61 -19.89 -14.16
C ALA A 79 9.96 -19.14 -14.03
N THR A 80 10.09 -18.35 -12.96
CA THR A 80 11.32 -17.59 -12.71
C THR A 80 12.57 -18.49 -12.68
N GLY A 81 13.69 -17.99 -13.20
CA GLY A 81 14.94 -18.73 -13.16
C GLY A 81 15.08 -19.80 -14.24
N THR A 82 14.10 -19.90 -15.12
CA THR A 82 14.16 -20.84 -16.25
C THR A 82 14.59 -20.07 -17.49
N THR A 83 14.66 -20.76 -18.64
CA THR A 83 15.10 -20.13 -19.87
C THR A 83 13.98 -19.29 -20.50
N THR A 84 12.80 -19.28 -19.90
CA THR A 84 11.74 -18.42 -20.41
C THR A 84 12.18 -16.96 -20.41
N ARG A 85 11.61 -16.22 -21.35
CA ARG A 85 11.87 -14.79 -21.42
C ARG A 85 10.58 -14.02 -21.52
N SER A 86 10.58 -12.81 -20.98
CA SER A 86 9.40 -11.95 -21.03
C SER A 86 9.04 -11.55 -22.45
N VAL A 87 7.79 -11.11 -22.60
CA VAL A 87 7.28 -10.55 -23.84
C VAL A 87 7.00 -9.06 -23.59
N ALA A 88 7.37 -8.22 -24.56
CA ALA A 88 7.05 -6.81 -24.52
C ALA A 88 6.23 -6.47 -25.75
N VAL A 89 5.06 -5.88 -25.54
CA VAL A 89 4.11 -5.63 -26.65
C VAL A 89 3.65 -4.17 -26.67
N ARG A 90 3.52 -3.63 -27.87
CA ARG A 90 2.86 -2.35 -28.05
C ARG A 90 1.45 -2.67 -28.47
N ILE A 91 0.49 -2.31 -27.63
CA ILE A 91 -0.93 -2.59 -27.90
C ILE A 91 -1.48 -1.61 -28.93
N LYS A 92 -2.59 -2.00 -29.55
CA LYS A 92 -3.16 -1.22 -30.63
C LYS A 92 -4.15 -0.20 -30.08
N GLN A 93 -5.35 -0.68 -29.74
CA GLN A 93 -6.44 0.16 -29.27
C GLN A 93 -6.39 0.33 -27.76
N ALA A 94 -6.40 1.58 -27.30
CA ALA A 94 -6.48 1.88 -25.88
C ALA A 94 -7.77 1.33 -25.31
N ALA A 95 -8.85 1.41 -26.08
CA ALA A 95 -10.13 0.74 -25.78
C ALA A 95 -10.96 1.48 -24.76
N LYS A 96 -12.19 1.79 -25.16
CA LYS A 96 -13.21 2.30 -24.25
C LYS A 96 -13.57 1.22 -23.21
N GLY A 97 -14.31 1.60 -22.18
CA GLY A 97 -14.70 0.65 -21.15
C GLY A 97 -15.80 1.16 -20.25
N GLY A 98 -16.02 0.45 -19.14
CA GLY A 98 -17.06 0.83 -18.19
C GLY A 98 -18.38 0.13 -18.48
N ALA A 99 -19.40 0.46 -17.66
CA ALA A 99 -20.74 -0.10 -17.83
C ALA A 99 -21.26 0.15 -19.24
N ARG A 100 -20.93 1.31 -19.80
CA ARG A 100 -21.48 1.71 -21.10
C ARG A 100 -20.52 1.62 -22.29
N GLY A 101 -19.21 1.63 -22.02
CA GLY A 101 -18.21 1.63 -23.07
C GLY A 101 -17.88 3.03 -23.57
N GLN A 102 -17.03 3.73 -22.84
CA GLN A 102 -16.74 5.13 -23.12
C GLN A 102 -15.28 5.44 -22.77
N TRP A 103 -14.80 6.61 -23.20
CA TRP A 103 -13.52 7.12 -22.72
C TRP A 103 -13.65 7.63 -21.29
N ALA A 104 -12.53 7.59 -20.56
CA ALA A 104 -12.48 7.99 -19.16
C ALA A 104 -12.10 9.45 -19.06
N GLY A 105 -12.50 10.10 -17.97
CA GLY A 105 -12.09 11.48 -17.70
C GLY A 105 -13.24 12.46 -17.72
N SER A 106 -12.92 13.72 -17.46
CA SER A 106 -13.90 14.80 -17.45
C SER A 106 -14.40 15.11 -18.86
N GLY A 107 -15.50 15.87 -18.95
CA GLY A 107 -16.12 16.20 -20.25
C GLY A 107 -16.52 14.95 -21.01
N ALA A 108 -16.18 14.90 -22.30
CA ALA A 108 -16.47 13.76 -23.16
C ALA A 108 -15.46 12.64 -22.99
N GLY A 109 -14.52 12.81 -22.08
CA GLY A 109 -13.48 11.82 -21.83
C GLY A 109 -12.20 12.10 -22.59
N PHE A 110 -11.14 11.37 -22.26
CA PHE A 110 -9.85 11.52 -22.92
C PHE A 110 -9.62 10.41 -23.96
N GLU A 111 -9.77 10.76 -25.23
CA GLU A 111 -9.52 9.83 -26.32
C GLU A 111 -8.03 9.56 -26.40
N ARG A 112 -7.65 8.29 -26.52
CA ARG A 112 -6.23 7.92 -26.57
C ARG A 112 -5.87 7.41 -27.96
N ALA A 113 -4.75 7.89 -28.47
CA ALA A 113 -4.26 7.48 -29.77
C ALA A 113 -3.90 5.99 -29.74
N GLU A 114 -3.97 5.34 -30.90
CA GLU A 114 -3.57 3.94 -31.00
C GLU A 114 -2.07 3.79 -30.89
N GLY A 115 -1.61 2.61 -30.48
CA GLY A 115 -0.19 2.31 -30.38
C GLY A 115 0.54 3.03 -29.26
N SER A 116 -0.19 3.47 -28.24
CA SER A 116 0.37 4.43 -27.28
C SER A 116 0.84 3.82 -25.98
N TYR A 117 0.72 2.50 -25.81
CA TYR A 117 1.03 1.83 -24.54
C TYR A 117 1.81 0.54 -24.73
N ILE A 118 2.79 0.32 -23.86
CA ILE A 118 3.55 -0.92 -23.86
C ILE A 118 3.27 -1.72 -22.58
N TYR A 119 3.05 -3.03 -22.74
CA TYR A 119 3.04 -3.95 -21.60
C TYR A 119 4.26 -4.81 -21.72
N ILE A 120 4.85 -5.11 -20.57
CA ILE A 120 5.91 -6.10 -20.49
C ILE A 120 5.56 -7.06 -19.34
N ALA A 121 5.67 -8.36 -19.61
CA ALA A 121 5.16 -9.40 -18.74
C ALA A 121 5.88 -10.71 -19.00
N PRO A 122 5.83 -11.62 -18.02
CA PRO A 122 6.24 -12.98 -18.37
C PRO A 122 5.41 -13.47 -19.56
N ASN A 123 5.98 -14.34 -20.38
CA ASN A 123 5.21 -14.87 -21.49
C ASN A 123 4.54 -16.15 -21.02
N ASN A 124 3.54 -15.99 -20.14
CA ASN A 124 2.90 -17.13 -19.47
C ASN A 124 1.39 -17.05 -19.52
N GLY A 125 0.87 -16.19 -20.40
CA GLY A 125 -0.57 -16.01 -20.53
C GLY A 125 -1.11 -14.78 -19.82
N LEU A 126 -0.29 -14.13 -19.01
CA LEU A 126 -0.77 -12.98 -18.22
C LEU A 126 -1.43 -11.88 -19.06
N LEU A 127 -0.90 -11.65 -20.26
CA LEU A 127 -1.45 -10.65 -21.18
C LEU A 127 -2.57 -11.16 -22.09
N THR A 128 -3.10 -12.35 -21.82
CA THR A 128 -4.14 -12.93 -22.70
C THR A 128 -5.29 -11.96 -22.98
N THR A 129 -5.87 -11.37 -21.93
CA THR A 129 -7.02 -10.48 -22.14
C THR A 129 -6.61 -9.06 -22.60
N VAL A 130 -5.39 -8.65 -22.27
CA VAL A 130 -4.85 -7.41 -22.82
C VAL A 130 -4.82 -7.49 -24.35
N LEU A 131 -4.30 -8.60 -24.87
CA LEU A 131 -4.17 -8.77 -26.32
C LEU A 131 -5.51 -8.92 -27.00
N GLU A 132 -6.42 -9.59 -26.31
CA GLU A 132 -7.73 -9.92 -26.85
C GLU A 132 -8.58 -8.63 -26.94
N GLU A 133 -8.51 -7.78 -25.92
CA GLU A 133 -9.34 -6.59 -25.86
C GLU A 133 -8.70 -5.32 -26.48
N HIS A 134 -7.37 -5.29 -26.59
CA HIS A 134 -6.67 -4.12 -27.13
C HIS A 134 -6.02 -4.37 -28.48
N GLY A 135 -5.76 -5.63 -28.81
CA GLY A 135 -4.98 -5.97 -29.99
C GLY A 135 -3.56 -5.51 -29.75
N TYR A 136 -2.66 -5.81 -30.69
CA TYR A 136 -1.31 -5.31 -30.61
C TYR A 136 -0.71 -5.05 -31.99
N LEU A 137 0.32 -4.23 -32.00
CA LEU A 137 0.98 -3.81 -33.20
C LEU A 137 2.31 -4.54 -33.39
N GLU A 138 2.99 -4.83 -32.29
CA GLU A 138 4.28 -5.47 -32.31
C GLU A 138 4.56 -6.12 -30.97
N ALA A 139 5.33 -7.20 -31.00
CA ALA A 139 5.65 -8.00 -29.81
C ALA A 139 7.07 -8.56 -29.95
N TYR A 140 7.85 -8.45 -28.89
CA TYR A 140 9.25 -8.86 -28.90
C TYR A 140 9.57 -9.68 -27.67
N GLU A 141 10.44 -10.65 -27.87
CA GLU A 141 11.01 -11.39 -26.77
C GLU A 141 12.06 -10.50 -26.11
N VAL A 142 12.13 -10.49 -24.78
CA VAL A 142 13.02 -9.58 -24.05
C VAL A 142 14.26 -10.35 -23.65
N THR A 143 15.34 -10.15 -24.41
CA THR A 143 16.58 -10.95 -24.28
C THR A 143 17.87 -10.12 -24.19
N SER A 144 17.82 -8.86 -24.66
CA SER A 144 19.00 -8.03 -24.75
C SER A 144 19.61 -7.65 -23.39
N PRO A 145 20.92 -7.92 -23.21
CA PRO A 145 21.63 -7.58 -21.98
C PRO A 145 21.67 -6.09 -21.73
N LYS A 146 21.21 -5.29 -22.68
CA LYS A 146 21.06 -3.84 -22.49
C LYS A 146 19.85 -3.51 -21.59
N VAL A 147 18.92 -4.46 -21.47
CA VAL A 147 17.64 -4.22 -20.77
C VAL A 147 17.32 -5.24 -19.69
N ILE A 148 18.06 -6.35 -19.66
CA ILE A 148 17.97 -7.33 -18.57
C ILE A 148 19.36 -7.68 -18.03
N PRO A 149 19.43 -8.28 -16.83
CA PRO A 149 20.75 -8.68 -16.32
C PRO A 149 21.40 -9.77 -17.18
N GLU A 150 22.73 -9.68 -17.31
CA GLU A 150 23.52 -10.73 -17.90
C GLU A 150 23.46 -11.99 -17.02
N GLN A 151 23.40 -11.78 -15.72
CA GLN A 151 23.29 -12.88 -14.75
C GLN A 151 22.07 -12.67 -13.84
N PRO A 152 20.87 -12.97 -14.36
CA PRO A 152 19.68 -12.63 -13.58
C PRO A 152 19.51 -13.49 -12.30
N GLU A 153 19.00 -12.88 -11.26
CA GLU A 153 18.64 -13.60 -10.02
C GLU A 153 17.67 -14.73 -10.38
N PRO A 154 17.98 -15.98 -10.01
CA PRO A 154 17.10 -17.13 -10.33
C PRO A 154 15.63 -16.96 -9.88
N THR A 155 15.41 -16.52 -8.64
CA THR A 155 14.04 -16.46 -8.11
C THR A 155 13.33 -15.12 -8.25
N PHE A 156 13.89 -14.12 -8.91
CA PHE A 156 13.23 -12.81 -8.88
C PHE A 156 13.03 -12.23 -10.29
N TYR A 157 12.52 -13.04 -11.22
CA TYR A 157 12.39 -12.65 -12.64
C TYR A 157 11.43 -11.49 -12.90
N GLY A 158 10.45 -11.29 -12.02
CA GLY A 158 9.63 -10.07 -12.12
C GLY A 158 10.44 -8.78 -12.03
N ARG A 159 11.54 -8.80 -11.28
CA ARG A 159 12.44 -7.67 -11.15
C ARG A 159 13.37 -7.66 -12.37
N GLU A 160 14.03 -8.81 -12.58
CA GLU A 160 15.05 -8.97 -13.62
C GLU A 160 14.50 -8.77 -15.03
N MET A 161 13.32 -9.37 -15.27
CA MET A 161 12.79 -9.51 -16.63
C MET A 161 11.53 -8.68 -16.89
N VAL A 162 11.10 -7.89 -15.91
CA VAL A 162 9.95 -7.02 -16.09
C VAL A 162 10.26 -5.63 -15.59
N ALA A 163 10.51 -5.46 -14.28
CA ALA A 163 10.79 -4.12 -13.70
C ALA A 163 11.96 -3.40 -14.38
N ILE A 164 13.08 -4.10 -14.51
CA ILE A 164 14.28 -3.52 -15.12
C ILE A 164 14.04 -3.13 -16.59
N PRO A 165 13.67 -4.09 -17.45
CA PRO A 165 13.47 -3.65 -18.83
C PRO A 165 12.32 -2.63 -19.00
N SER A 166 11.29 -2.69 -18.16
CA SER A 166 10.22 -1.66 -18.21
C SER A 166 10.76 -0.25 -18.01
N ALA A 167 11.75 -0.11 -17.13
CA ALA A 167 12.36 1.18 -16.86
C ALA A 167 13.24 1.64 -18.03
N HIS A 168 13.90 0.70 -18.71
CA HIS A 168 14.63 1.03 -19.93
C HIS A 168 13.68 1.54 -21.00
N LEU A 169 12.54 0.88 -21.15
CA LEU A 169 11.52 1.31 -22.11
C LEU A 169 10.97 2.70 -21.75
N ALA A 170 10.69 2.94 -20.48
CA ALA A 170 10.20 4.24 -20.04
C ALA A 170 11.23 5.31 -20.36
N ALA A 171 12.50 4.90 -20.36
CA ALA A 171 13.64 5.78 -20.58
C ALA A 171 13.90 5.98 -22.08
N GLY A 172 13.10 5.33 -22.91
CA GLY A 172 13.15 5.54 -24.33
C GLY A 172 14.02 4.57 -25.09
N PHE A 173 14.45 3.49 -24.43
CA PHE A 173 15.12 2.40 -25.15
C PHE A 173 14.14 1.87 -26.20
N PRO A 174 14.58 1.80 -27.49
CA PRO A 174 13.69 1.35 -28.58
C PRO A 174 13.10 -0.05 -28.34
N LEU A 175 11.78 -0.15 -28.38
CA LEU A 175 11.08 -1.42 -28.14
C LEU A 175 11.60 -2.55 -29.05
N SER A 176 11.81 -2.24 -30.33
CA SER A 176 12.22 -3.26 -31.28
C SER A 176 13.65 -3.77 -31.03
N GLU A 177 14.40 -3.12 -30.13
CA GLU A 177 15.75 -3.55 -29.78
C GLU A 177 15.84 -4.48 -28.56
N VAL A 178 14.72 -4.87 -27.96
CA VAL A 178 14.76 -5.69 -26.71
C VAL A 178 15.10 -7.15 -27.00
N GLY A 179 14.80 -7.57 -28.22
CA GLY A 179 15.09 -8.91 -28.70
C GLY A 179 14.29 -9.19 -29.96
N ARG A 180 14.18 -10.46 -30.35
CA ARG A 180 13.58 -10.79 -31.64
C ARG A 180 12.07 -10.60 -31.64
N PRO A 181 11.46 -10.34 -32.81
CA PRO A 181 9.99 -10.29 -32.85
C PRO A 181 9.42 -11.67 -32.54
N LEU A 182 8.29 -11.71 -31.83
CA LEU A 182 7.59 -12.97 -31.57
C LEU A 182 6.42 -13.06 -32.52
N GLU A 183 6.24 -14.23 -33.11
CA GLU A 183 5.00 -14.51 -33.84
C GLU A 183 3.86 -14.75 -32.87
N ASP A 184 2.64 -14.63 -33.37
CA ASP A 184 1.45 -14.67 -32.54
C ASP A 184 1.34 -15.98 -31.74
N HIS A 185 1.64 -17.10 -32.42
CA HIS A 185 1.52 -18.43 -31.80
C HIS A 185 2.56 -18.64 -30.69
N GLU A 186 3.61 -17.83 -30.70
CA GLU A 186 4.64 -17.90 -29.64
C GLU A 186 4.25 -17.17 -28.34
N ILE A 187 3.15 -16.43 -28.37
CA ILE A 187 2.68 -15.73 -27.18
C ILE A 187 1.67 -16.61 -26.47
N VAL A 188 2.03 -17.02 -25.26
CA VAL A 188 1.21 -17.96 -24.50
C VAL A 188 -0.11 -17.28 -24.15
N ARG A 189 -1.18 -18.04 -24.27
CA ARG A 189 -2.49 -17.61 -23.87
C ARG A 189 -3.14 -18.64 -22.95
N PHE A 190 -3.93 -18.17 -21.99
CA PHE A 190 -4.79 -19.09 -21.26
C PHE A 190 -6.14 -19.12 -21.94
N ASN A 191 -6.89 -20.19 -21.69
CA ASN A 191 -8.25 -20.29 -22.21
C ASN A 191 -9.26 -19.64 -21.25
N ARG A 192 -10.01 -18.69 -21.78
CA ARG A 192 -11.04 -17.97 -21.05
C ARG A 192 -12.33 -18.78 -21.14
N PRO A 193 -12.93 -19.15 -19.98
CA PRO A 193 -14.22 -19.86 -20.01
C PRO A 193 -15.30 -19.00 -20.65
N ALA A 194 -16.01 -19.55 -21.62
CA ALA A 194 -17.04 -18.80 -22.31
C ALA A 194 -18.36 -18.78 -21.53
N VAL A 195 -19.11 -17.70 -21.68
CA VAL A 195 -20.47 -17.62 -21.17
C VAL A 195 -21.34 -18.46 -22.10
N GLU A 196 -22.07 -19.41 -21.53
CA GLU A 196 -22.91 -20.30 -22.33
C GLU A 196 -24.38 -19.92 -22.25
N GLN A 197 -25.09 -20.07 -23.35
CA GLN A 197 -26.54 -19.91 -23.36
C GLN A 197 -27.18 -21.26 -23.10
N ASP A 198 -28.17 -21.25 -22.22
CA ASP A 198 -28.75 -22.48 -21.69
C ASP A 198 -30.26 -22.28 -21.62
N GLY A 199 -30.93 -22.61 -22.72
CA GLY A 199 -32.29 -22.15 -22.95
C GLY A 199 -32.18 -20.64 -23.10
N GLU A 200 -32.88 -19.87 -22.28
CA GLU A 200 -32.67 -18.42 -22.32
C GLU A 200 -31.95 -17.83 -21.11
N ALA A 201 -31.37 -18.73 -20.31
CA ALA A 201 -30.45 -18.34 -19.26
C ALA A 201 -29.03 -18.16 -19.83
N LEU A 202 -28.29 -17.20 -19.29
CA LEU A 202 -26.86 -17.09 -19.53
C LEU A 202 -26.13 -17.71 -18.33
N VAL A 203 -25.19 -18.60 -18.62
CA VAL A 203 -24.50 -19.35 -17.58
C VAL A 203 -23.02 -19.02 -17.59
N GLY A 204 -22.56 -18.50 -16.46
CA GLY A 204 -21.17 -18.13 -16.28
C GLY A 204 -20.70 -18.49 -14.90
N VAL A 205 -19.86 -17.62 -14.35
CA VAL A 205 -19.17 -17.89 -13.12
C VAL A 205 -19.02 -16.57 -12.33
N VAL A 206 -18.90 -16.66 -11.01
CA VAL A 206 -18.44 -15.53 -10.23
C VAL A 206 -16.93 -15.37 -10.53
N SER A 207 -16.56 -14.23 -11.12
CA SER A 207 -15.17 -14.02 -11.56
C SER A 207 -14.31 -13.44 -10.44
N ALA A 208 -14.95 -12.79 -9.46
CA ALA A 208 -14.27 -12.09 -8.37
C ALA A 208 -15.26 -11.66 -7.31
N ILE A 209 -14.80 -11.66 -6.06
CA ILE A 209 -15.48 -10.93 -5.00
C ILE A 209 -14.84 -9.53 -5.00
N ASP A 210 -15.64 -8.49 -5.13
CA ASP A 210 -15.17 -7.11 -5.27
C ASP A 210 -14.85 -6.58 -3.86
N HIS A 211 -13.59 -6.68 -3.45
CA HIS A 211 -13.18 -6.14 -2.13
C HIS A 211 -12.91 -4.63 -2.23
N PRO A 212 -13.06 -3.88 -1.11
CA PRO A 212 -13.47 -4.31 0.24
C PRO A 212 -14.96 -4.38 0.52
N PHE A 213 -15.79 -4.33 -0.51
CA PHE A 213 -17.24 -4.23 -0.29
C PHE A 213 -17.95 -5.60 -0.15
N GLY A 214 -17.39 -6.63 -0.79
CA GLY A 214 -18.05 -7.93 -0.86
C GLY A 214 -19.17 -7.93 -1.89
N ASN A 215 -18.98 -7.19 -2.97
CA ASN A 215 -19.92 -7.30 -4.10
C ASN A 215 -19.46 -8.52 -4.92
N VAL A 216 -20.38 -9.10 -5.69
CA VAL A 216 -20.08 -10.27 -6.46
C VAL A 216 -20.05 -9.91 -7.95
N TRP A 217 -18.91 -10.20 -8.58
CA TRP A 217 -18.72 -9.92 -10.00
C TRP A 217 -18.79 -11.21 -10.80
N THR A 218 -19.50 -11.19 -11.94
CA THR A 218 -19.53 -12.34 -12.85
C THR A 218 -18.76 -12.05 -14.13
N ASN A 219 -18.55 -13.09 -14.94
CA ASN A 219 -17.93 -12.96 -16.25
C ASN A 219 -18.97 -12.74 -17.36
N ILE A 220 -20.21 -12.44 -16.96
CA ILE A 220 -21.28 -12.14 -17.93
C ILE A 220 -21.18 -10.67 -18.29
N HIS A 221 -20.72 -10.41 -19.51
CA HIS A 221 -20.42 -9.07 -19.95
C HIS A 221 -21.69 -8.36 -20.43
N ARG A 222 -21.67 -7.03 -20.40
CA ARG A 222 -22.66 -6.20 -21.07
C ARG A 222 -23.07 -6.77 -22.46
N THR A 223 -22.07 -7.05 -23.31
CA THR A 223 -22.32 -7.62 -24.66
C THR A 223 -23.09 -8.94 -24.62
N ASP A 224 -22.87 -9.74 -23.58
CA ASP A 224 -23.64 -10.95 -23.37
C ASP A 224 -25.10 -10.62 -23.06
N LEU A 225 -25.32 -9.54 -22.31
CA LEU A 225 -26.68 -9.14 -21.94
C LEU A 225 -27.43 -8.54 -23.14
N GLU A 226 -26.75 -7.72 -23.93
CA GLU A 226 -27.35 -7.12 -25.12
C GLU A 226 -27.85 -8.18 -26.10
N LYS A 227 -27.06 -9.24 -26.24
CA LYS A 227 -27.33 -10.41 -27.07
C LYS A 227 -28.55 -11.19 -26.57
N ALA A 228 -28.92 -10.98 -25.31
CA ALA A 228 -30.14 -11.61 -24.82
C ALA A 228 -31.26 -10.57 -24.75
N GLY A 229 -30.92 -9.35 -25.18
CA GLY A 229 -31.82 -8.18 -25.11
C GLY A 229 -32.02 -7.58 -23.72
N ILE A 230 -31.24 -8.07 -22.75
CA ILE A 230 -31.35 -7.64 -21.35
C ILE A 230 -30.76 -6.26 -21.19
N GLY A 231 -31.64 -5.30 -20.92
CA GLY A 231 -31.22 -3.93 -20.67
C GLY A 231 -31.64 -3.52 -19.27
N TYR A 232 -31.18 -2.34 -18.86
CA TYR A 232 -31.59 -1.76 -17.60
C TYR A 232 -33.11 -1.84 -17.45
N GLY A 233 -33.60 -2.22 -16.27
CA GLY A 233 -35.04 -2.35 -16.03
C GLY A 233 -35.58 -3.77 -16.05
N ALA A 234 -34.92 -4.66 -16.78
CA ALA A 234 -35.31 -6.07 -16.84
C ALA A 234 -35.26 -6.71 -15.45
N ARG A 235 -36.36 -7.35 -15.04
CA ARG A 235 -36.35 -8.17 -13.82
C ARG A 235 -35.54 -9.43 -14.08
N LEU A 236 -34.53 -9.66 -13.24
CA LEU A 236 -33.65 -10.80 -13.43
C LEU A 236 -33.72 -11.78 -12.27
N ARG A 237 -33.60 -13.07 -12.59
CA ARG A 237 -33.31 -14.10 -11.59
C ARG A 237 -31.83 -14.48 -11.77
N LEU A 238 -31.03 -14.21 -10.74
CA LEU A 238 -29.60 -14.50 -10.80
C LEU A 238 -29.28 -15.51 -9.71
N THR A 239 -28.88 -16.70 -10.13
CA THR A 239 -28.66 -17.79 -9.21
C THR A 239 -27.16 -18.02 -9.02
N LEU A 240 -26.72 -18.10 -7.76
CA LEU A 240 -25.30 -18.27 -7.47
C LEU A 240 -25.06 -19.60 -6.78
N ASP A 241 -23.94 -20.22 -7.11
CA ASP A 241 -23.55 -21.51 -6.55
C ASP A 241 -24.61 -22.60 -6.74
N GLY A 242 -25.48 -22.41 -7.73
CA GLY A 242 -26.49 -23.41 -8.05
C GLY A 242 -27.68 -23.42 -7.12
N VAL A 243 -27.53 -22.83 -5.93
CA VAL A 243 -28.56 -22.96 -4.88
C VAL A 243 -29.12 -21.67 -4.30
N LEU A 244 -28.25 -20.67 -4.10
CA LEU A 244 -28.67 -19.34 -3.63
C LEU A 244 -29.15 -18.48 -4.79
N PRO A 245 -30.47 -18.34 -5.00
CA PRO A 245 -30.89 -17.46 -6.09
C PRO A 245 -31.21 -16.03 -5.61
N PHE A 246 -31.24 -15.06 -6.55
CA PHE A 246 -31.61 -13.66 -6.26
C PHE A 246 -32.52 -13.07 -7.35
N GLU A 247 -33.36 -12.11 -6.98
CA GLU A 247 -34.26 -11.47 -7.92
C GLU A 247 -34.21 -9.96 -7.74
N ALA A 248 -33.99 -9.24 -8.84
CA ALA A 248 -33.95 -7.79 -8.83
C ALA A 248 -33.99 -7.29 -10.27
N PRO A 249 -34.43 -6.02 -10.49
CA PRO A 249 -34.21 -5.38 -11.78
C PRO A 249 -32.73 -5.06 -12.00
N LEU A 250 -32.28 -5.13 -13.24
CA LEU A 250 -30.98 -4.60 -13.60
C LEU A 250 -31.05 -3.09 -13.48
N THR A 251 -30.18 -2.50 -12.65
CA THR A 251 -30.16 -1.06 -12.39
C THR A 251 -28.74 -0.52 -12.58
N PRO A 252 -28.58 0.78 -12.92
CA PRO A 252 -27.25 1.38 -13.01
C PRO A 252 -26.36 1.28 -11.75
N THR A 253 -26.96 1.38 -10.57
CA THR A 253 -26.17 1.47 -9.36
C THR A 253 -26.84 0.86 -8.13
N PHE A 254 -26.08 0.87 -7.03
CA PHE A 254 -26.47 0.27 -5.74
C PHE A 254 -27.73 0.89 -5.12
N ALA A 255 -27.74 2.21 -4.99
CA ALA A 255 -28.85 2.95 -4.36
C ALA A 255 -30.22 2.73 -5.02
N ASP A 256 -30.25 2.32 -6.28
CA ASP A 256 -31.52 2.03 -6.98
C ASP A 256 -32.30 0.86 -6.39
N ALA A 257 -31.64 0.10 -5.51
CA ALA A 257 -32.25 -1.01 -4.79
C ALA A 257 -33.21 -0.51 -3.68
N GLY A 258 -33.05 0.75 -3.31
CA GLY A 258 -33.93 1.35 -2.31
C GLY A 258 -33.32 1.28 -0.93
N GLU A 259 -34.00 0.56 -0.03
CA GLU A 259 -33.53 0.43 1.34
C GLU A 259 -32.13 -0.15 1.41
N ILE A 260 -31.35 0.30 2.40
CA ILE A 260 -30.05 -0.29 2.70
C ILE A 260 -30.22 -1.80 2.94
N GLY A 261 -29.36 -2.59 2.31
CA GLY A 261 -29.42 -4.03 2.47
C GLY A 261 -30.12 -4.76 1.33
N ASN A 262 -30.93 -4.04 0.57
CA ASN A 262 -31.67 -4.61 -0.57
C ASN A 262 -30.71 -5.03 -1.70
N ILE A 263 -31.08 -6.10 -2.38
CA ILE A 263 -30.30 -6.65 -3.51
C ILE A 263 -30.30 -5.72 -4.72
N ALA A 264 -29.10 -5.41 -5.21
CA ALA A 264 -28.95 -4.67 -6.46
C ALA A 264 -28.26 -5.59 -7.45
N ILE A 265 -28.80 -5.66 -8.67
CA ILE A 265 -28.09 -6.30 -9.78
C ILE A 265 -27.78 -5.20 -10.78
N TYR A 266 -26.51 -5.11 -11.19
CA TYR A 266 -26.01 -3.96 -11.92
C TYR A 266 -24.86 -4.33 -12.90
N LEU A 267 -24.41 -3.36 -13.68
CA LEU A 267 -23.17 -3.50 -14.44
C LEU A 267 -22.06 -2.77 -13.71
N ASN A 268 -20.97 -3.48 -13.40
CA ASN A 268 -19.89 -2.84 -12.69
C ASN A 268 -19.11 -1.91 -13.62
N SER A 269 -18.09 -1.26 -13.08
CA SER A 269 -17.31 -0.27 -13.83
C SER A 269 -16.37 -0.90 -14.85
N ARG A 270 -16.38 -2.22 -14.93
CA ARG A 270 -15.60 -2.88 -15.95
C ARG A 270 -16.46 -3.52 -17.04
N GLY A 271 -17.77 -3.33 -16.93
CA GLY A 271 -18.72 -3.73 -17.98
C GLY A 271 -19.41 -5.06 -17.73
N TYR A 272 -19.29 -5.60 -16.51
CA TYR A 272 -19.82 -6.95 -16.23
C TYR A 272 -20.99 -7.00 -15.23
N LEU A 273 -21.92 -7.89 -15.51
CA LEU A 273 -23.01 -8.19 -14.63
C LEU A 273 -22.52 -8.53 -13.23
N SER A 274 -23.10 -7.84 -12.25
CA SER A 274 -22.70 -7.96 -10.87
C SER A 274 -23.92 -7.94 -9.95
N ILE A 275 -23.70 -8.32 -8.68
CA ILE A 275 -24.77 -8.33 -7.69
C ILE A 275 -24.21 -7.96 -6.33
N ALA A 276 -25.01 -7.19 -5.60
CA ALA A 276 -24.58 -6.60 -4.35
C ALA A 276 -25.82 -6.40 -3.50
N ARG A 277 -25.59 -6.00 -2.25
CA ARG A 277 -26.62 -5.34 -1.43
C ARG A 277 -26.25 -3.86 -1.37
N ASN A 278 -27.28 -3.02 -1.28
CA ASN A 278 -27.14 -1.59 -1.19
C ASN A 278 -26.56 -1.17 0.15
N ALA A 279 -25.29 -0.71 0.11
CA ALA A 279 -24.57 -0.24 1.28
C ALA A 279 -24.57 -1.30 2.39
N ALA A 280 -24.45 -2.55 1.96
CA ALA A 280 -24.17 -3.65 2.86
C ALA A 280 -23.36 -4.64 2.03
N SER A 281 -22.67 -5.55 2.69
CA SER A 281 -21.95 -6.61 1.99
C SER A 281 -22.82 -7.83 1.65
N LEU A 282 -22.76 -8.28 0.41
CA LEU A 282 -23.47 -9.50 0.04
C LEU A 282 -22.58 -10.72 0.26
N ALA A 283 -21.35 -10.64 -0.20
CA ALA A 283 -20.48 -11.78 -0.25
C ALA A 283 -20.01 -12.24 1.13
N TYR A 284 -19.66 -11.28 1.99
CA TYR A 284 -18.95 -11.61 3.24
C TYR A 284 -19.80 -12.40 4.24
N PRO A 285 -21.05 -11.97 4.53
CA PRO A 285 -21.89 -12.80 5.44
C PRO A 285 -22.20 -14.21 4.94
N TYR A 286 -22.31 -14.41 3.63
CA TYR A 286 -22.67 -15.72 3.09
C TYR A 286 -21.47 -16.48 2.59
N HIS A 287 -20.28 -15.88 2.73
CA HIS A 287 -19.05 -16.52 2.27
C HIS A 287 -19.13 -16.93 0.80
N LEU A 288 -19.63 -16.02 -0.02
CA LEU A 288 -19.67 -16.26 -1.45
C LEU A 288 -18.28 -16.10 -2.01
N LYS A 289 -17.93 -16.91 -3.01
CA LYS A 289 -16.57 -17.03 -3.49
C LYS A 289 -16.45 -17.00 -5.02
N GLU A 290 -15.32 -16.49 -5.47
CA GLU A 290 -14.90 -16.63 -6.86
C GLU A 290 -14.99 -18.10 -7.32
N GLY A 291 -15.49 -18.32 -8.53
CA GLY A 291 -15.56 -19.67 -9.06
C GLY A 291 -16.91 -20.36 -8.89
N MET A 292 -17.75 -19.79 -8.02
CA MET A 292 -19.14 -20.26 -7.90
C MET A 292 -19.86 -19.99 -9.23
N SER A 293 -20.80 -20.86 -9.58
CA SER A 293 -21.56 -20.67 -10.80
C SER A 293 -22.45 -19.46 -10.66
N ALA A 294 -22.74 -18.85 -11.79
CA ALA A 294 -23.60 -17.69 -11.84
C ALA A 294 -24.46 -17.82 -13.09
N ARG A 295 -25.77 -17.87 -12.86
CA ARG A 295 -26.77 -18.06 -13.92
C ARG A 295 -27.74 -16.88 -13.86
N VAL A 296 -27.96 -16.24 -15.00
CA VAL A 296 -28.93 -15.12 -15.07
C VAL A 296 -29.98 -15.39 -16.14
N GLU A 297 -31.22 -14.98 -15.83
CA GLU A 297 -32.39 -15.20 -16.68
C GLU A 297 -33.39 -14.05 -16.48
N ALA A 298 -34.02 -13.59 -17.57
CA ALA A 298 -34.97 -12.48 -17.48
C ALA A 298 -36.33 -12.91 -16.93
N ARG B 8 14.85 14.75 -7.84
CA ARG B 8 16.25 14.23 -7.68
C ARG B 8 16.38 13.40 -6.42
N PRO B 9 16.22 14.04 -5.23
CA PRO B 9 16.46 13.25 -4.00
C PRO B 9 15.35 12.23 -3.70
N ILE B 10 15.76 11.11 -3.14
CA ILE B 10 14.87 10.02 -2.78
C ILE B 10 14.96 9.75 -1.29
N ILE B 11 13.79 9.63 -0.64
CA ILE B 11 13.71 9.02 0.69
C ILE B 11 12.98 7.69 0.55
N ALA B 12 13.63 6.61 0.98
CA ALA B 12 12.98 5.31 1.03
C ALA B 12 12.60 5.08 2.50
N PHE B 13 11.31 4.87 2.73
CA PHE B 13 10.69 4.94 4.04
C PHE B 13 10.15 3.57 4.49
N MET B 14 10.67 3.06 5.60
CA MET B 14 10.24 1.77 6.15
C MET B 14 9.81 2.04 7.58
N SER B 15 8.57 1.70 7.94
CA SER B 15 8.12 1.91 9.32
C SER B 15 7.23 0.77 9.83
N ASP B 16 6.80 0.87 11.11
CA ASP B 16 5.84 -0.06 11.69
C ASP B 16 4.47 0.61 11.82
N LEU B 17 4.23 1.63 10.99
CA LEU B 17 3.03 2.46 11.13
C LEU B 17 1.76 1.88 10.48
N GLY B 18 1.92 0.85 9.66
CA GLY B 18 0.77 0.23 8.95
C GLY B 18 0.20 1.12 7.83
N THR B 19 -0.87 0.66 7.20
CA THR B 19 -1.48 1.41 6.10
C THR B 19 -2.98 1.43 6.28
N THR B 20 -3.45 1.45 7.52
CA THR B 20 -4.87 1.48 7.77
C THR B 20 -5.31 2.80 8.38
N ASP B 21 -4.37 3.72 8.57
CA ASP B 21 -4.78 5.09 8.89
C ASP B 21 -3.87 6.09 8.15
N ASP B 22 -3.97 7.38 8.50
CA ASP B 22 -3.21 8.45 7.85
C ASP B 22 -1.80 8.68 8.36
N SER B 23 -1.29 7.79 9.21
CA SER B 23 0.01 8.01 9.90
C SER B 23 1.20 8.21 8.96
N VAL B 24 1.36 7.30 8.00
CA VAL B 24 2.42 7.40 6.98
C VAL B 24 2.26 8.68 6.15
N ALA B 25 1.02 9.06 5.81
CA ALA B 25 0.72 10.25 5.00
C ALA B 25 1.13 11.54 5.72
N GLN B 26 0.94 11.56 7.05
CA GLN B 26 1.45 12.67 7.87
C GLN B 26 2.97 12.86 7.74
N CYS B 27 3.69 11.75 7.81
CA CYS B 27 5.15 11.78 7.63
C CYS B 27 5.53 12.28 6.22
N LYS B 28 4.82 11.78 5.20
CA LYS B 28 5.05 12.20 3.82
C LYS B 28 4.76 13.68 3.59
N GLY B 29 3.67 14.17 4.18
CA GLY B 29 3.35 15.60 4.08
C GLY B 29 4.52 16.45 4.52
N LEU B 30 5.07 16.10 5.69
CA LEU B 30 6.25 16.79 6.22
C LEU B 30 7.49 16.64 5.35
N MET B 31 7.70 15.46 4.74
CA MET B 31 8.83 15.23 3.84
C MET B 31 8.76 16.15 2.62
N TYR B 32 7.59 16.25 1.98
CA TYR B 32 7.37 17.17 0.88
C TYR B 32 7.44 18.64 1.30
N SER B 33 6.98 18.94 2.52
CA SER B 33 7.08 20.29 3.04
C SER B 33 8.54 20.75 3.13
N ILE B 34 9.40 19.87 3.62
CA ILE B 34 10.80 20.20 3.90
C ILE B 34 11.68 20.08 2.65
N CYS B 35 11.43 19.06 1.81
CA CYS B 35 12.22 18.84 0.62
C CYS B 35 11.25 18.72 -0.55
N PRO B 36 10.75 19.86 -1.09
CA PRO B 36 9.71 19.79 -2.13
C PRO B 36 9.98 18.86 -3.31
N ASP B 37 11.23 18.75 -3.77
CA ASP B 37 11.52 17.95 -4.99
C ASP B 37 11.77 16.45 -4.73
N VAL B 38 11.58 16.04 -3.47
CA VAL B 38 11.80 14.67 -3.06
C VAL B 38 10.82 13.69 -3.69
N THR B 39 11.30 12.45 -3.85
CA THR B 39 10.47 11.32 -4.19
C THR B 39 10.52 10.40 -2.98
N VAL B 40 9.35 10.10 -2.41
CA VAL B 40 9.27 9.19 -1.29
C VAL B 40 8.90 7.82 -1.83
N VAL B 41 9.75 6.84 -1.55
CA VAL B 41 9.50 5.45 -1.95
C VAL B 41 9.14 4.61 -0.72
N ASP B 42 7.95 4.01 -0.71
CA ASP B 42 7.59 3.11 0.38
C ASP B 42 8.43 1.83 0.32
N VAL B 43 9.11 1.54 1.43
CA VAL B 43 9.77 0.24 1.55
C VAL B 43 8.68 -0.76 1.93
N CYS B 44 8.20 -0.66 3.17
CA CYS B 44 6.94 -1.27 3.61
C CYS B 44 6.65 -0.76 4.99
N HIS B 45 5.41 -0.95 5.44
CA HIS B 45 4.95 -0.39 6.71
C HIS B 45 4.26 -1.44 7.53
N SER B 46 4.50 -2.70 7.16
CA SER B 46 3.75 -3.86 7.63
C SER B 46 4.45 -4.71 8.68
N MET B 47 5.68 -4.34 9.03
CA MET B 47 6.45 -5.13 9.98
C MET B 47 5.70 -5.27 11.30
N THR B 48 5.96 -6.37 12.01
CA THR B 48 5.52 -6.53 13.37
C THR B 48 6.11 -5.37 14.16
N PRO B 49 5.25 -4.57 14.80
CA PRO B 49 5.70 -3.47 15.66
C PRO B 49 6.75 -3.94 16.67
N TRP B 50 7.84 -3.16 16.78
CA TRP B 50 8.86 -3.30 17.86
C TRP B 50 9.80 -4.49 17.64
N ASP B 51 9.60 -5.22 16.53
CA ASP B 51 10.46 -6.37 16.19
C ASP B 51 11.62 -5.83 15.35
N VAL B 52 12.70 -5.38 16.00
CA VAL B 52 13.81 -4.76 15.29
C VAL B 52 14.55 -5.72 14.35
N GLU B 53 14.60 -7.00 14.71
CA GLU B 53 15.21 -8.00 13.85
C GLU B 53 14.46 -8.15 12.52
N GLU B 54 13.13 -8.07 12.58
CA GLU B 54 12.32 -8.15 11.37
C GLU B 54 12.47 -6.90 10.50
N GLY B 55 12.38 -5.72 11.13
CA GLY B 55 12.61 -4.46 10.45
C GLY B 55 13.96 -4.42 9.75
N ALA B 56 15.00 -4.91 10.44
CA ALA B 56 16.36 -5.00 9.90
C ALA B 56 16.37 -5.75 8.55
N ARG B 57 15.63 -6.86 8.47
CA ARG B 57 15.51 -7.67 7.26
C ARG B 57 14.95 -6.90 6.06
N TYR B 58 14.06 -5.93 6.33
CA TYR B 58 13.45 -5.16 5.23
C TYR B 58 14.32 -4.02 4.76
N ILE B 59 15.46 -3.79 5.43
CA ILE B 59 16.24 -2.60 5.06
C ILE B 59 17.70 -2.85 4.68
N VAL B 60 18.21 -4.02 5.06
CA VAL B 60 19.62 -4.30 4.89
C VAL B 60 20.05 -4.48 3.43
N ASP B 61 19.13 -4.98 2.60
CA ASP B 61 19.45 -5.30 1.20
C ASP B 61 19.19 -4.15 0.22
N LEU B 62 18.66 -3.05 0.73
CA LEU B 62 18.26 -1.92 -0.10
C LEU B 62 19.32 -1.16 -0.93
N PRO B 63 20.49 -0.84 -0.34
CA PRO B 63 21.33 0.20 -0.98
C PRO B 63 21.66 -0.02 -2.47
N ARG B 64 22.08 -1.24 -2.84
CA ARG B 64 22.51 -1.52 -4.22
C ARG B 64 21.42 -1.26 -5.26
N PHE B 65 20.16 -1.23 -4.81
CA PHE B 65 19.03 -1.04 -5.71
C PHE B 65 18.75 0.43 -6.01
N PHE B 66 19.25 1.32 -5.16
CA PHE B 66 18.84 2.74 -5.19
C PHE B 66 19.91 3.65 -5.74
N PRO B 67 19.50 4.79 -6.35
CA PRO B 67 20.51 5.74 -6.74
C PRO B 67 21.33 6.24 -5.55
N GLU B 68 22.61 6.49 -5.79
CA GLU B 68 23.49 7.10 -4.79
C GLU B 68 22.91 8.39 -4.31
N GLY B 69 23.01 8.61 -3.00
CA GLY B 69 22.45 9.82 -2.36
C GLY B 69 21.08 9.59 -1.75
N THR B 70 20.54 8.40 -1.95
CA THR B 70 19.29 7.98 -1.30
C THR B 70 19.39 7.96 0.22
N VAL B 71 18.31 8.39 0.87
CA VAL B 71 18.26 8.43 2.31
C VAL B 71 17.25 7.38 2.75
N PHE B 72 17.65 6.46 3.61
CA PHE B 72 16.72 5.46 4.13
C PHE B 72 16.24 5.92 5.49
N ALA B 73 14.94 6.18 5.59
CA ALA B 73 14.30 6.59 6.83
C ALA B 73 13.62 5.34 7.37
N THR B 74 14.14 4.80 8.47
CA THR B 74 13.70 3.46 8.89
C THR B 74 13.38 3.47 10.36
N THR B 75 12.18 3.02 10.72
CA THR B 75 11.73 3.22 12.10
C THR B 75 10.73 2.19 12.66
N THR B 76 11.07 1.68 13.84
CA THR B 76 10.05 1.24 14.79
C THR B 76 10.52 1.85 16.08
N TYR B 77 9.63 2.56 16.76
CA TYR B 77 10.07 3.40 17.85
C TYR B 77 9.36 3.16 19.17
N PRO B 78 9.50 1.94 19.76
CA PRO B 78 8.77 1.71 21.05
C PRO B 78 9.25 2.62 22.20
N ALA B 79 10.44 3.22 22.07
CA ALA B 79 10.96 4.14 23.11
C ALA B 79 10.55 5.60 22.79
N THR B 80 9.54 5.75 21.95
CA THR B 80 9.03 7.08 21.60
C THR B 80 8.67 7.92 22.82
N GLY B 81 9.04 9.20 22.78
CA GLY B 81 8.65 10.13 23.83
C GLY B 81 9.59 10.09 25.03
N THR B 82 10.71 9.36 24.92
CA THR B 82 11.73 9.33 25.97
C THR B 82 12.94 10.21 25.55
N THR B 83 13.97 10.26 26.39
CA THR B 83 15.18 11.03 26.11
C THR B 83 16.07 10.43 25.00
N THR B 84 15.74 9.24 24.52
CA THR B 84 16.40 8.64 23.35
C THR B 84 16.40 9.57 22.13
N ARG B 85 17.50 9.56 21.39
CA ARG B 85 17.54 10.26 20.11
C ARG B 85 17.97 9.30 18.98
N SER B 86 17.46 9.57 17.78
CA SER B 86 17.79 8.77 16.61
C SER B 86 19.28 8.84 16.28
N VAL B 87 19.72 7.86 15.49
CA VAL B 87 21.06 7.85 14.95
C VAL B 87 20.96 8.02 13.42
N ALA B 88 21.91 8.75 12.84
CA ALA B 88 22.00 8.96 11.42
C ALA B 88 23.41 8.55 11.00
N VAL B 89 23.49 7.62 10.05
CA VAL B 89 24.75 7.01 9.64
C VAL B 89 24.93 7.12 8.14
N ARG B 90 26.15 7.42 7.69
CA ARG B 90 26.53 7.24 6.29
C ARG B 90 27.24 5.89 6.20
N ILE B 91 26.68 4.97 5.41
CA ILE B 91 27.26 3.65 5.28
C ILE B 91 28.44 3.67 4.33
N LYS B 92 29.21 2.59 4.40
CA LYS B 92 30.44 2.48 3.64
C LYS B 92 30.17 1.78 2.31
N GLN B 93 30.14 0.45 2.35
CA GLN B 93 29.93 -0.39 1.19
C GLN B 93 28.46 -0.49 0.84
N ALA B 94 28.11 -0.16 -0.39
CA ALA B 94 26.74 -0.37 -0.86
C ALA B 94 26.41 -1.87 -0.80
N ALA B 95 27.43 -2.70 -1.11
CA ALA B 95 27.41 -4.17 -0.94
C ALA B 95 26.60 -4.92 -2.00
N LYS B 96 27.27 -5.86 -2.64
CA LYS B 96 26.64 -6.79 -3.57
C LYS B 96 25.69 -7.71 -2.79
N GLY B 97 24.82 -8.42 -3.50
CA GLY B 97 23.85 -9.29 -2.86
C GLY B 97 23.25 -10.33 -3.78
N GLY B 98 22.20 -10.99 -3.32
CA GLY B 98 21.57 -12.04 -4.12
C GLY B 98 22.11 -13.44 -3.86
N ALA B 99 21.53 -14.42 -4.54
CA ALA B 99 21.99 -15.83 -4.39
C ALA B 99 23.49 -15.96 -4.68
N ARG B 100 23.99 -15.15 -5.59
CA ARG B 100 25.38 -15.22 -6.02
C ARG B 100 26.32 -14.15 -5.49
N GLY B 101 25.77 -13.00 -5.10
CA GLY B 101 26.59 -11.88 -4.66
C GLY B 101 27.03 -11.02 -5.83
N GLN B 102 26.14 -10.15 -6.30
CA GLN B 102 26.37 -9.35 -7.49
C GLN B 102 25.71 -7.98 -7.35
N TRP B 103 26.09 -7.08 -8.26
CA TRP B 103 25.40 -5.81 -8.43
C TRP B 103 24.04 -6.03 -9.07
N ALA B 104 23.09 -5.16 -8.74
CA ALA B 104 21.75 -5.26 -9.31
C ALA B 104 21.65 -4.43 -10.59
N GLY B 105 20.68 -4.75 -11.44
CA GLY B 105 20.47 -3.96 -12.68
C GLY B 105 20.72 -4.78 -13.93
N SER B 106 20.46 -4.17 -15.09
CA SER B 106 20.74 -4.83 -16.36
C SER B 106 22.24 -4.84 -16.62
N GLY B 107 22.64 -5.56 -17.67
CA GLY B 107 24.04 -5.67 -18.03
C GLY B 107 24.80 -6.32 -16.89
N ALA B 108 25.97 -5.78 -16.57
CA ALA B 108 26.77 -6.27 -15.47
C ALA B 108 26.32 -5.68 -14.13
N GLY B 109 25.22 -4.94 -14.13
CA GLY B 109 24.69 -4.34 -12.92
C GLY B 109 25.20 -2.92 -12.67
N PHE B 110 24.60 -2.25 -11.69
CA PHE B 110 24.95 -0.90 -11.28
C PHE B 110 25.94 -0.94 -10.11
N GLU B 111 27.22 -0.67 -10.37
CA GLU B 111 28.17 -0.55 -9.28
C GLU B 111 27.91 0.77 -8.54
N ARG B 112 27.83 0.69 -7.21
CA ARG B 112 27.54 1.85 -6.39
C ARG B 112 28.81 2.34 -5.67
N ALA B 113 29.04 3.65 -5.65
CA ALA B 113 30.21 4.19 -4.94
C ALA B 113 30.05 3.93 -3.43
N GLU B 114 31.19 3.89 -2.73
CA GLU B 114 31.14 3.87 -1.26
C GLU B 114 30.69 5.22 -0.69
N GLY B 115 30.15 5.18 0.53
CA GLY B 115 29.76 6.39 1.25
C GLY B 115 28.59 7.11 0.64
N SER B 116 27.72 6.39 -0.06
CA SER B 116 26.72 7.02 -0.92
C SER B 116 25.28 6.95 -0.40
N TYR B 117 25.08 6.41 0.80
CA TYR B 117 23.75 6.19 1.39
C TYR B 117 23.71 6.56 2.86
N ILE B 118 22.63 7.21 3.26
CA ILE B 118 22.39 7.54 4.66
C ILE B 118 21.18 6.79 5.19
N TYR B 119 21.30 6.24 6.39
CA TYR B 119 20.18 5.65 7.11
C TYR B 119 19.96 6.47 8.34
N ILE B 120 18.70 6.67 8.68
CA ILE B 120 18.35 7.34 9.91
C ILE B 120 17.24 6.50 10.57
N ALA B 121 17.43 6.24 11.85
CA ALA B 121 16.62 5.28 12.58
C ALA B 121 16.66 5.58 14.07
N PRO B 122 15.73 5.00 14.86
CA PRO B 122 15.93 5.03 16.29
C PRO B 122 17.26 4.33 16.60
N ASN B 123 17.89 4.73 17.69
CA ASN B 123 19.08 4.06 18.12
C ASN B 123 18.67 2.93 19.06
N ASN B 124 18.05 1.90 18.50
CA ASN B 124 17.51 0.78 19.25
C ASN B 124 17.86 -0.60 18.67
N GLY B 125 18.87 -0.65 17.82
CA GLY B 125 19.33 -1.92 17.25
C GLY B 125 18.83 -2.18 15.84
N LEU B 126 17.92 -1.33 15.37
CA LEU B 126 17.30 -1.54 14.06
C LEU B 126 18.32 -1.60 12.89
N LEU B 127 19.42 -0.84 13.02
CA LEU B 127 20.49 -0.79 12.00
C LEU B 127 21.59 -1.82 12.20
N THR B 128 21.42 -2.73 13.16
CA THR B 128 22.44 -3.76 13.48
C THR B 128 23.04 -4.41 12.22
N THR B 129 22.18 -4.93 11.34
CA THR B 129 22.68 -5.72 10.20
C THR B 129 23.08 -4.81 9.02
N VAL B 130 22.48 -3.61 8.94
CA VAL B 130 22.95 -2.59 8.02
C VAL B 130 24.44 -2.27 8.31
N LEU B 131 24.76 -2.03 9.58
CA LEU B 131 26.14 -1.68 9.96
C LEU B 131 27.08 -2.86 9.76
N GLU B 132 26.59 -4.05 10.07
CA GLU B 132 27.36 -5.29 9.97
C GLU B 132 27.72 -5.61 8.51
N GLU B 133 26.75 -5.42 7.62
CA GLU B 133 26.91 -5.84 6.23
C GLU B 133 27.45 -4.74 5.33
N HIS B 134 27.35 -3.48 5.76
CA HIS B 134 27.78 -2.35 4.93
C HIS B 134 28.95 -1.57 5.52
N GLY B 135 29.14 -1.69 6.83
CA GLY B 135 30.08 -0.83 7.55
C GLY B 135 29.52 0.59 7.54
N TYR B 136 30.21 1.53 8.18
CA TYR B 136 29.82 2.93 8.12
C TYR B 136 31.07 3.83 8.22
N LEU B 137 30.90 5.07 7.78
CA LEU B 137 31.99 6.03 7.74
C LEU B 137 31.82 7.06 8.83
N GLU B 138 30.56 7.37 9.17
CA GLU B 138 30.26 8.31 10.24
C GLU B 138 28.86 8.08 10.78
N ALA B 139 28.65 8.48 12.03
CA ALA B 139 27.40 8.29 12.73
C ALA B 139 27.20 9.43 13.72
N TYR B 140 25.99 9.98 13.72
CA TYR B 140 25.67 11.12 14.55
C TYR B 140 24.34 10.92 15.24
N GLU B 141 24.29 11.45 16.46
CA GLU B 141 23.08 11.56 17.23
C GLU B 141 22.28 12.71 16.67
N VAL B 142 20.97 12.52 16.54
CA VAL B 142 20.09 13.46 15.86
C VAL B 142 19.39 14.33 16.91
N THR B 143 19.94 15.53 17.14
CA THR B 143 19.50 16.39 18.25
C THR B 143 19.20 17.84 17.88
N SER B 144 19.68 18.28 16.73
CA SER B 144 19.57 19.69 16.33
C SER B 144 18.12 20.10 16.06
N PRO B 145 17.66 21.20 16.70
CA PRO B 145 16.33 21.75 16.46
C PRO B 145 16.12 22.24 15.02
N LYS B 146 17.20 22.26 14.23
CA LYS B 146 17.09 22.54 12.79
C LYS B 146 16.50 21.36 12.02
N VAL B 147 16.59 20.15 12.58
CA VAL B 147 16.17 18.92 11.87
C VAL B 147 15.12 18.08 12.63
N ILE B 148 14.87 18.44 13.89
CA ILE B 148 13.82 17.79 14.69
C ILE B 148 12.94 18.85 15.36
N PRO B 149 11.71 18.49 15.77
CA PRO B 149 10.90 19.47 16.54
C PRO B 149 11.55 19.83 17.88
N GLU B 150 11.44 21.09 18.27
CA GLU B 150 11.81 21.55 19.61
C GLU B 150 10.90 20.93 20.66
N GLN B 151 9.64 20.73 20.29
CA GLN B 151 8.65 20.08 21.15
C GLN B 151 8.06 18.87 20.44
N PRO B 152 8.79 17.75 20.43
CA PRO B 152 8.34 16.57 19.67
C PRO B 152 7.07 15.93 20.25
N GLU B 153 6.19 15.43 19.38
CA GLU B 153 5.03 14.65 19.79
C GLU B 153 5.54 13.41 20.57
N PRO B 154 5.09 13.23 21.84
CA PRO B 154 5.57 12.09 22.64
C PRO B 154 5.41 10.70 22.02
N THR B 155 4.26 10.41 21.41
CA THR B 155 4.02 9.07 20.86
C THR B 155 4.39 8.86 19.38
N PHE B 156 5.02 9.84 18.74
CA PHE B 156 5.16 9.74 17.28
C PHE B 156 6.60 10.03 16.86
N TYR B 157 7.57 9.48 17.59
CA TYR B 157 8.98 9.74 17.29
C TYR B 157 9.46 9.27 15.91
N GLY B 158 8.82 8.28 15.30
CA GLY B 158 9.12 7.91 13.89
C GLY B 158 8.95 9.10 12.96
N ARG B 159 7.98 9.95 13.27
CA ARG B 159 7.73 11.15 12.47
C ARG B 159 8.69 12.25 12.89
N GLU B 160 8.77 12.48 14.19
CA GLU B 160 9.51 13.60 14.71
C GLU B 160 11.01 13.39 14.51
N MET B 161 11.47 12.15 14.73
CA MET B 161 12.89 11.88 14.90
C MET B 161 13.50 11.08 13.75
N VAL B 162 12.68 10.77 12.75
CA VAL B 162 13.14 10.02 11.58
C VAL B 162 12.61 10.71 10.31
N ALA B 163 11.30 10.79 10.12
CA ALA B 163 10.76 11.31 8.87
C ALA B 163 11.26 12.73 8.64
N ILE B 164 11.06 13.58 9.67
CA ILE B 164 11.46 14.99 9.55
C ILE B 164 12.95 15.18 9.25
N PRO B 165 13.84 14.72 10.13
CA PRO B 165 15.26 14.85 9.81
C PRO B 165 15.67 14.20 8.52
N SER B 166 15.08 13.05 8.16
CA SER B 166 15.39 12.43 6.86
C SER B 166 15.15 13.39 5.69
N ALA B 167 14.08 14.18 5.77
CA ALA B 167 13.73 15.12 4.71
C ALA B 167 14.77 16.27 4.65
N HIS B 168 15.24 16.70 5.82
CA HIS B 168 16.29 17.73 5.86
C HIS B 168 17.55 17.19 5.24
N LEU B 169 17.89 15.93 5.54
CA LEU B 169 19.06 15.30 4.91
C LEU B 169 18.92 15.17 3.40
N ALA B 170 17.73 14.78 2.94
CA ALA B 170 17.45 14.68 1.51
C ALA B 170 17.60 16.04 0.82
N ALA B 171 17.34 17.10 1.59
CA ALA B 171 17.36 18.48 1.06
C ALA B 171 18.76 19.04 1.07
N GLY B 172 19.70 18.27 1.62
CA GLY B 172 21.09 18.67 1.66
C GLY B 172 21.58 19.29 2.96
N PHE B 173 20.78 19.20 4.02
CA PHE B 173 21.28 19.57 5.33
C PHE B 173 22.48 18.68 5.64
N PRO B 174 23.64 19.28 6.04
CA PRO B 174 24.83 18.46 6.28
C PRO B 174 24.62 17.44 7.40
N LEU B 175 24.93 16.18 7.09
CA LEU B 175 24.88 15.08 8.04
C LEU B 175 25.58 15.37 9.36
N SER B 176 26.80 15.91 9.28
CA SER B 176 27.62 16.21 10.49
C SER B 176 27.05 17.33 11.37
N GLU B 177 26.03 18.02 10.89
CA GLU B 177 25.41 19.05 11.69
C GLU B 177 24.13 18.63 12.43
N VAL B 178 23.74 17.36 12.34
CA VAL B 178 22.49 16.89 13.01
C VAL B 178 22.63 16.76 14.53
N GLY B 179 23.87 16.62 14.99
CA GLY B 179 24.19 16.46 16.40
C GLY B 179 25.58 15.87 16.53
N ARG B 180 25.96 15.46 17.74
CA ARG B 180 27.32 15.03 18.01
C ARG B 180 27.66 13.68 17.36
N PRO B 181 28.95 13.48 17.00
CA PRO B 181 29.34 12.13 16.56
C PRO B 181 29.10 11.09 17.66
N LEU B 182 28.66 9.90 17.25
CA LEU B 182 28.52 8.79 18.19
C LEU B 182 29.69 7.83 18.04
N GLU B 183 30.25 7.42 19.17
CA GLU B 183 31.20 6.32 19.22
C GLU B 183 30.49 5.00 18.89
N ASP B 184 31.24 4.02 18.39
CA ASP B 184 30.69 2.74 17.99
C ASP B 184 29.88 2.07 19.09
N HIS B 185 30.41 2.09 20.31
CA HIS B 185 29.77 1.42 21.44
C HIS B 185 28.45 2.12 21.84
N GLU B 186 28.25 3.35 21.39
CA GLU B 186 27.00 4.07 21.67
C GLU B 186 25.87 3.71 20.70
N ILE B 187 26.19 2.94 19.65
CA ILE B 187 25.18 2.49 18.71
C ILE B 187 24.65 1.12 19.12
N VAL B 188 23.38 1.10 19.49
CA VAL B 188 22.77 -0.10 20.08
C VAL B 188 22.71 -1.20 19.02
N ARG B 189 23.04 -2.42 19.43
CA ARG B 189 22.99 -3.60 18.56
C ARG B 189 22.11 -4.65 19.18
N PHE B 190 21.41 -5.41 18.36
CA PHE B 190 20.86 -6.64 18.86
C PHE B 190 21.84 -7.77 18.55
N ASN B 191 21.69 -8.89 19.27
CA ASN B 191 22.55 -10.02 18.98
C ASN B 191 21.88 -10.91 17.96
N ARG B 192 22.63 -11.21 16.92
CA ARG B 192 22.14 -12.06 15.86
C ARG B 192 22.50 -13.52 16.22
N PRO B 193 21.51 -14.42 16.15
CA PRO B 193 21.76 -15.86 16.42
C PRO B 193 22.72 -16.44 15.36
N ALA B 194 23.79 -17.08 15.80
CA ALA B 194 24.72 -17.66 14.84
C ALA B 194 24.24 -19.00 14.32
N VAL B 195 24.60 -19.31 13.08
CA VAL B 195 24.45 -20.65 12.51
C VAL B 195 25.52 -21.56 13.15
N GLU B 196 25.09 -22.68 13.72
CA GLU B 196 25.94 -23.58 14.47
C GLU B 196 26.29 -24.82 13.61
N GLN B 197 27.52 -25.29 13.71
CA GLN B 197 27.93 -26.57 13.12
C GLN B 197 27.65 -27.68 14.15
N ASP B 198 26.99 -28.73 13.71
CA ASP B 198 26.60 -29.81 14.60
C ASP B 198 26.89 -31.12 13.90
N GLY B 199 28.09 -31.65 14.14
CA GLY B 199 28.64 -32.69 13.29
C GLY B 199 28.84 -32.08 11.93
N GLU B 200 28.23 -32.65 10.90
CA GLU B 200 28.30 -32.03 9.57
C GLU B 200 27.00 -31.30 9.14
N ALA B 201 26.03 -31.22 10.05
CA ALA B 201 24.81 -30.45 9.85
C ALA B 201 25.08 -28.97 10.15
N LEU B 202 24.40 -28.09 9.44
CA LEU B 202 24.34 -26.68 9.87
C LEU B 202 22.99 -26.45 10.53
N VAL B 203 23.01 -25.81 11.70
CA VAL B 203 21.81 -25.64 12.52
C VAL B 203 21.48 -24.15 12.63
N GLY B 204 20.31 -23.78 12.14
CA GLY B 204 19.82 -22.42 12.22
C GLY B 204 18.35 -22.41 12.56
N VAL B 205 17.66 -21.39 12.04
CA VAL B 205 16.22 -21.22 12.26
C VAL B 205 15.53 -20.83 10.96
N VAL B 206 14.22 -20.96 10.93
CA VAL B 206 13.43 -20.27 9.95
C VAL B 206 13.43 -18.77 10.29
N SER B 207 14.02 -17.96 9.42
CA SER B 207 14.11 -16.52 9.67
C SER B 207 12.83 -15.77 9.27
N ALA B 208 12.06 -16.35 8.35
CA ALA B 208 10.86 -15.67 7.87
C ALA B 208 10.06 -16.63 7.01
N ILE B 209 8.74 -16.44 6.99
CA ILE B 209 7.90 -17.02 5.97
C ILE B 209 7.79 -15.97 4.88
N ASP B 210 8.08 -16.37 3.65
CA ASP B 210 8.15 -15.45 2.51
C ASP B 210 6.75 -15.22 1.93
N HIS B 211 6.06 -14.18 2.39
CA HIS B 211 4.74 -13.86 1.86
C HIS B 211 4.87 -13.12 0.56
N PRO B 212 3.87 -13.24 -0.32
CA PRO B 212 2.60 -13.99 -0.17
C PRO B 212 2.64 -15.46 -0.63
N PHE B 213 3.83 -16.01 -0.81
CA PHE B 213 3.97 -17.37 -1.38
C PHE B 213 3.93 -18.50 -0.35
N GLY B 214 4.41 -18.21 0.86
CA GLY B 214 4.54 -19.25 1.87
C GLY B 214 5.80 -20.07 1.66
N ASN B 215 6.85 -19.44 1.12
CA ASN B 215 8.15 -20.08 1.08
C ASN B 215 8.79 -19.96 2.47
N VAL B 216 9.74 -20.82 2.77
CA VAL B 216 10.36 -20.84 4.09
C VAL B 216 11.79 -20.34 3.91
N TRP B 217 12.15 -19.27 4.61
CA TRP B 217 13.51 -18.74 4.53
C TRP B 217 14.26 -19.08 5.80
N THR B 218 15.53 -19.47 5.67
CA THR B 218 16.37 -19.73 6.85
C THR B 218 17.46 -18.66 7.00
N ASN B 219 18.11 -18.63 8.16
CA ASN B 219 19.27 -17.76 8.38
C ASN B 219 20.61 -18.43 7.96
N ILE B 220 20.54 -19.54 7.23
CA ILE B 220 21.74 -20.22 6.74
C ILE B 220 22.12 -19.60 5.37
N HIS B 221 23.25 -18.90 5.35
CA HIS B 221 23.65 -18.07 4.24
C HIS B 221 24.48 -18.87 3.23
N ARG B 222 24.51 -18.40 2.00
CA ARG B 222 25.40 -18.93 0.96
C ARG B 222 26.81 -19.20 1.51
N THR B 223 27.38 -18.24 2.21
CA THR B 223 28.72 -18.37 2.80
C THR B 223 28.84 -19.51 3.83
N ASP B 224 27.77 -19.76 4.58
CA ASP B 224 27.74 -20.92 5.49
C ASP B 224 27.78 -22.21 4.67
N LEU B 225 27.04 -22.22 3.57
CA LEU B 225 26.99 -23.38 2.67
C LEU B 225 28.35 -23.65 2.01
N GLU B 226 29.11 -22.59 1.77
CA GLU B 226 30.43 -22.71 1.16
C GLU B 226 31.41 -23.35 2.12
N LYS B 227 31.40 -22.91 3.37
CA LYS B 227 32.19 -23.52 4.44
C LYS B 227 32.07 -25.05 4.49
N ALA B 228 30.86 -25.54 4.17
CA ALA B 228 30.56 -26.99 4.19
C ALA B 228 30.64 -27.62 2.81
N GLY B 229 30.97 -26.81 1.80
CA GLY B 229 31.07 -27.26 0.41
C GLY B 229 29.76 -27.45 -0.34
N ILE B 230 28.64 -27.12 0.30
CA ILE B 230 27.33 -27.32 -0.31
C ILE B 230 27.14 -26.33 -1.46
N GLY B 231 27.21 -26.87 -2.65
CA GLY B 231 26.91 -26.10 -3.83
C GLY B 231 25.66 -26.64 -4.52
N TYR B 232 25.20 -25.93 -5.54
CA TYR B 232 24.08 -26.38 -6.35
C TYR B 232 24.32 -27.83 -6.77
N GLY B 233 23.28 -28.67 -6.71
CA GLY B 233 23.43 -30.07 -7.07
C GLY B 233 23.52 -31.02 -5.88
N ALA B 234 24.01 -30.52 -4.75
CA ALA B 234 24.08 -31.31 -3.51
C ALA B 234 22.70 -31.77 -3.04
N ARG B 235 22.55 -33.08 -2.81
CA ARG B 235 21.32 -33.62 -2.25
C ARG B 235 21.33 -33.27 -0.76
N LEU B 236 20.28 -32.58 -0.32
CA LEU B 236 20.23 -32.13 1.04
C LEU B 236 19.07 -32.74 1.78
N ARG B 237 19.28 -32.92 3.07
CA ARG B 237 18.23 -33.17 4.03
C ARG B 237 18.07 -31.89 4.83
N LEU B 238 16.92 -31.25 4.71
CA LEU B 238 16.66 -30.06 5.47
C LEU B 238 15.45 -30.34 6.37
N THR B 239 15.70 -30.32 7.68
CA THR B 239 14.73 -30.67 8.71
C THR B 239 14.20 -29.39 9.37
N LEU B 240 12.88 -29.21 9.34
CA LEU B 240 12.25 -28.06 9.94
C LEU B 240 11.50 -28.48 11.20
N ASP B 241 11.51 -27.62 12.21
CA ASP B 241 10.74 -27.85 13.41
C ASP B 241 11.15 -29.17 14.12
N GLY B 242 12.30 -29.71 13.72
CA GLY B 242 12.90 -30.91 14.33
C GLY B 242 12.48 -32.28 13.79
N VAL B 243 11.35 -32.34 13.09
CA VAL B 243 10.72 -33.61 12.75
C VAL B 243 10.42 -33.78 11.24
N LEU B 244 10.84 -32.81 10.43
CA LEU B 244 10.48 -32.76 9.00
C LEU B 244 11.71 -32.87 8.06
N PRO B 245 12.22 -34.10 7.83
CA PRO B 245 13.45 -34.29 7.05
C PRO B 245 13.30 -34.17 5.53
N PHE B 246 13.10 -32.94 5.05
CA PHE B 246 12.89 -32.72 3.64
C PHE B 246 14.12 -33.12 2.87
N GLU B 247 13.90 -33.66 1.68
CA GLU B 247 15.01 -34.10 0.85
C GLU B 247 14.85 -33.64 -0.59
N ALA B 248 15.88 -32.96 -1.07
CA ALA B 248 15.91 -32.40 -2.42
C ALA B 248 17.32 -31.94 -2.71
N PRO B 249 17.67 -31.86 -4.01
CA PRO B 249 18.93 -31.17 -4.35
C PRO B 249 18.79 -29.67 -4.19
N LEU B 250 19.88 -29.01 -3.81
CA LEU B 250 19.97 -27.55 -3.91
C LEU B 250 19.91 -27.15 -5.38
N THR B 251 18.90 -26.36 -5.76
CA THR B 251 18.72 -25.88 -7.13
C THR B 251 18.61 -24.34 -7.16
N PRO B 252 18.91 -23.72 -8.32
CA PRO B 252 18.79 -22.27 -8.43
C PRO B 252 17.36 -21.74 -8.21
N THR B 253 16.35 -22.51 -8.62
CA THR B 253 15.00 -21.98 -8.63
C THR B 253 13.91 -23.04 -8.40
N PHE B 254 12.68 -22.55 -8.25
CA PHE B 254 11.52 -23.37 -7.95
C PHE B 254 11.22 -24.44 -8.99
N ALA B 255 11.13 -24.02 -10.25
CA ALA B 255 10.77 -24.94 -11.34
C ALA B 255 11.72 -26.16 -11.51
N ASP B 256 12.93 -26.06 -10.96
CA ASP B 256 13.88 -27.15 -11.00
C ASP B 256 13.41 -28.38 -10.26
N ALA B 257 12.41 -28.20 -9.39
CA ALA B 257 11.82 -29.32 -8.67
C ALA B 257 10.92 -30.22 -9.57
N GLY B 258 10.59 -29.74 -10.76
CA GLY B 258 9.85 -30.51 -11.73
C GLY B 258 8.37 -30.24 -11.64
N GLU B 259 7.61 -31.28 -11.31
CA GLU B 259 6.16 -31.22 -11.13
C GLU B 259 5.73 -30.12 -10.12
N ILE B 260 4.64 -29.42 -10.43
CA ILE B 260 4.01 -28.45 -9.51
C ILE B 260 3.75 -29.13 -8.16
N GLY B 261 4.15 -28.48 -7.06
CA GLY B 261 3.92 -29.08 -5.74
C GLY B 261 5.15 -29.75 -5.14
N ASN B 262 6.12 -30.12 -5.97
CA ASN B 262 7.35 -30.76 -5.52
C ASN B 262 8.24 -29.80 -4.73
N ILE B 263 8.96 -30.35 -3.76
CA ILE B 263 9.91 -29.60 -2.90
C ILE B 263 11.12 -29.05 -3.66
N ALA B 264 11.37 -27.74 -3.50
CA ALA B 264 12.57 -27.09 -3.99
C ALA B 264 13.34 -26.56 -2.78
N ILE B 265 14.63 -26.84 -2.76
CA ILE B 265 15.55 -26.27 -1.82
C ILE B 265 16.47 -25.38 -2.66
N TYR B 266 16.56 -24.10 -2.28
CA TYR B 266 17.20 -23.11 -3.13
C TYR B 266 17.86 -21.98 -2.32
N LEU B 267 18.54 -21.10 -3.03
CA LEU B 267 19.03 -19.86 -2.44
C LEU B 267 18.08 -18.71 -2.83
N ASN B 268 17.50 -18.06 -1.84
CA ASN B 268 16.62 -16.92 -2.09
C ASN B 268 17.39 -15.67 -2.64
N SER B 269 16.64 -14.64 -3.05
CA SER B 269 17.26 -13.42 -3.61
C SER B 269 18.07 -12.60 -2.60
N ARG B 270 18.01 -13.00 -1.33
CA ARG B 270 18.78 -12.33 -0.27
C ARG B 270 20.08 -13.09 0.08
N GLY B 271 20.27 -14.25 -0.56
CA GLY B 271 21.49 -15.05 -0.38
C GLY B 271 21.37 -16.21 0.61
N TYR B 272 20.15 -16.56 1.01
CA TYR B 272 19.93 -17.51 2.09
C TYR B 272 19.27 -18.80 1.66
N LEU B 273 19.65 -19.88 2.32
CA LEU B 273 19.06 -21.18 2.09
C LEU B 273 17.57 -21.15 2.44
N SER B 274 16.77 -21.67 1.51
CA SER B 274 15.30 -21.58 1.56
C SER B 274 14.68 -22.87 1.06
N ILE B 275 13.40 -23.06 1.36
CA ILE B 275 12.68 -24.24 0.90
C ILE B 275 11.24 -23.87 0.55
N ALA B 276 10.76 -24.46 -0.53
CA ALA B 276 9.48 -24.10 -1.09
C ALA B 276 8.93 -25.32 -1.74
N ARG B 277 7.68 -25.19 -2.21
CA ARG B 277 7.11 -26.10 -3.19
C ARG B 277 7.02 -25.33 -4.50
N ASN B 278 7.15 -26.06 -5.61
CA ASN B 278 7.13 -25.44 -6.94
C ASN B 278 5.74 -25.00 -7.29
N ALA B 279 5.52 -23.68 -7.34
CA ALA B 279 4.21 -23.10 -7.68
C ALA B 279 3.07 -23.64 -6.80
N ALA B 280 3.40 -23.90 -5.54
CA ALA B 280 2.43 -24.21 -4.50
C ALA B 280 3.03 -23.67 -3.20
N SER B 281 2.18 -23.46 -2.20
CA SER B 281 2.66 -22.97 -0.92
C SER B 281 3.13 -24.11 0.02
N LEU B 282 4.33 -23.97 0.57
CA LEU B 282 4.81 -24.91 1.57
C LEU B 282 4.33 -24.56 2.98
N ALA B 283 4.50 -23.30 3.36
CA ALA B 283 4.29 -22.88 4.74
C ALA B 283 2.82 -22.80 5.14
N TYR B 284 1.96 -22.36 4.22
CA TYR B 284 0.58 -22.07 4.61
C TYR B 284 -0.26 -23.32 4.95
N PRO B 285 -0.24 -24.37 4.12
CA PRO B 285 -1.05 -25.54 4.49
C PRO B 285 -0.61 -26.20 5.80
N TYR B 286 0.66 -26.11 6.16
CA TYR B 286 1.14 -26.83 7.36
C TYR B 286 1.46 -25.89 8.49
N HIS B 287 1.14 -24.60 8.28
CA HIS B 287 1.32 -23.55 9.30
C HIS B 287 2.75 -23.55 9.83
N LEU B 288 3.71 -23.57 8.92
CA LEU B 288 5.11 -23.44 9.33
C LEU B 288 5.33 -21.96 9.66
N LYS B 289 6.28 -21.71 10.57
CA LYS B 289 6.42 -20.42 11.22
C LYS B 289 7.87 -20.00 11.37
N GLU B 290 8.08 -18.68 11.35
CA GLU B 290 9.34 -18.09 11.74
C GLU B 290 9.73 -18.60 13.14
N GLY B 291 11.01 -18.89 13.33
CA GLY B 291 11.50 -19.27 14.65
C GLY B 291 11.58 -20.78 14.85
N MET B 292 10.95 -21.54 13.96
CA MET B 292 11.14 -23.00 13.94
C MET B 292 12.59 -23.32 13.61
N SER B 293 13.09 -24.42 14.17
CA SER B 293 14.45 -24.83 13.88
C SER B 293 14.60 -25.24 12.42
N ALA B 294 15.80 -25.05 11.90
CA ALA B 294 16.12 -25.44 10.54
C ALA B 294 17.52 -26.03 10.55
N ARG B 295 17.62 -27.30 10.19
CA ARG B 295 18.88 -28.03 10.11
C ARG B 295 19.10 -28.48 8.67
N VAL B 296 20.30 -28.29 8.15
CA VAL B 296 20.62 -28.77 6.81
C VAL B 296 21.85 -29.67 6.86
N GLU B 297 21.81 -30.76 6.09
CA GLU B 297 22.97 -31.62 5.91
C GLU B 297 22.99 -32.27 4.52
N ALA B 298 24.21 -32.51 4.04
CA ALA B 298 24.46 -33.09 2.71
C ALA B 298 24.08 -34.56 2.62
N ARG C 8 5.33 20.16 -7.99
CA ARG C 8 4.83 21.18 -7.01
C ARG C 8 3.44 20.84 -6.47
N PRO C 9 2.45 20.66 -7.34
CA PRO C 9 1.10 20.35 -6.83
C PRO C 9 1.00 18.95 -6.18
N ILE C 10 0.23 18.87 -5.09
CA ILE C 10 0.03 17.62 -4.39
C ILE C 10 -1.45 17.28 -4.25
N ILE C 11 -1.81 16.05 -4.58
CA ILE C 11 -3.11 15.48 -4.20
C ILE C 11 -2.90 14.42 -3.13
N ALA C 12 -3.55 14.61 -1.98
CA ALA C 12 -3.53 13.60 -0.93
C ALA C 12 -4.88 12.85 -0.98
N PHE C 13 -4.80 11.55 -1.29
CA PHE C 13 -5.95 10.74 -1.68
C PHE C 13 -6.36 9.72 -0.61
N MET C 14 -7.60 9.85 -0.14
CA MET C 14 -8.10 8.92 0.90
C MET C 14 -9.41 8.32 0.36
N SER C 15 -9.46 6.99 0.25
CA SER C 15 -10.67 6.36 -0.32
C SER C 15 -11.04 5.10 0.45
N ASP C 16 -12.20 4.52 0.12
CA ASP C 16 -12.59 3.16 0.57
C ASP C 16 -12.40 2.09 -0.54
N LEU C 17 -11.47 2.34 -1.46
CA LEU C 17 -11.31 1.50 -2.64
C LEU C 17 -10.50 0.25 -2.39
N GLY C 18 -9.72 0.25 -1.30
CA GLY C 18 -8.81 -0.85 -0.98
C GLY C 18 -7.58 -0.86 -1.87
N THR C 19 -6.74 -1.88 -1.67
CA THR C 19 -5.52 -2.02 -2.46
C THR C 19 -5.39 -3.44 -3.01
N THR C 20 -6.51 -4.08 -3.33
CA THR C 20 -6.46 -5.44 -3.81
C THR C 20 -6.82 -5.55 -5.30
N ASP C 21 -7.10 -4.43 -5.92
CA ASP C 21 -7.29 -4.40 -7.37
C ASP C 21 -6.75 -3.06 -7.87
N ASP C 22 -6.94 -2.78 -9.16
CA ASP C 22 -6.41 -1.59 -9.84
C ASP C 22 -7.26 -0.30 -9.70
N SER C 23 -8.25 -0.30 -8.81
CA SER C 23 -9.17 0.84 -8.66
C SER C 23 -8.47 2.19 -8.36
N VAL C 24 -7.58 2.18 -7.37
CA VAL C 24 -6.85 3.38 -7.01
C VAL C 24 -5.93 3.82 -8.15
N ALA C 25 -5.31 2.85 -8.83
CA ALA C 25 -4.40 3.15 -9.94
C ALA C 25 -5.13 3.82 -11.10
N GLN C 26 -6.39 3.43 -11.33
CA GLN C 26 -7.23 4.09 -12.34
C GLN C 26 -7.45 5.59 -12.05
N CYS C 27 -7.73 5.92 -10.81
CA CYS C 27 -7.85 7.31 -10.35
C CYS C 27 -6.55 8.07 -10.54
N LYS C 28 -5.43 7.44 -10.16
CA LYS C 28 -4.09 8.02 -10.28
C LYS C 28 -3.71 8.31 -11.72
N GLY C 29 -4.00 7.35 -12.61
CA GLY C 29 -3.79 7.52 -14.06
C GLY C 29 -4.45 8.80 -14.56
N LEU C 30 -5.69 9.00 -14.13
CA LEU C 30 -6.42 10.21 -14.53
C LEU C 30 -5.85 11.48 -13.88
N MET C 31 -5.39 11.35 -12.64
CA MET C 31 -4.76 12.47 -11.95
C MET C 31 -3.51 12.97 -12.68
N TYR C 32 -2.62 12.04 -13.04
CA TYR C 32 -1.45 12.36 -13.88
C TYR C 32 -1.80 12.84 -15.26
N SER C 33 -2.87 12.29 -15.86
CA SER C 33 -3.36 12.75 -17.18
C SER C 33 -3.70 14.25 -17.13
N ILE C 34 -4.51 14.61 -16.13
CA ILE C 34 -5.03 15.98 -15.97
C ILE C 34 -4.00 16.98 -15.45
N CYS C 35 -3.20 16.54 -14.49
CA CYS C 35 -2.21 17.40 -13.87
C CYS C 35 -0.83 16.70 -13.93
N PRO C 36 -0.16 16.75 -15.10
CA PRO C 36 1.10 16.01 -15.30
C PRO C 36 2.17 16.18 -14.20
N ASP C 37 2.34 17.38 -13.62
CA ASP C 37 3.38 17.59 -12.59
C ASP C 37 2.96 17.24 -11.15
N VAL C 38 1.79 16.63 -10.99
CA VAL C 38 1.25 16.36 -9.63
C VAL C 38 1.99 15.23 -8.92
N THR C 39 2.00 15.29 -7.60
CA THR C 39 2.43 14.20 -6.78
C THR C 39 1.20 13.71 -6.05
N VAL C 40 0.88 12.44 -6.24
CA VAL C 40 -0.24 11.84 -5.54
C VAL C 40 0.27 11.13 -4.29
N VAL C 41 -0.22 11.54 -3.12
CA VAL C 41 0.14 10.90 -1.86
C VAL C 41 -1.06 10.08 -1.37
N ASP C 42 -0.85 8.79 -1.12
CA ASP C 42 -1.89 7.96 -0.55
C ASP C 42 -2.04 8.29 0.92
N VAL C 43 -3.26 8.61 1.32
CA VAL C 43 -3.54 8.79 2.74
C VAL C 43 -3.76 7.39 3.32
N CYS C 44 -4.87 6.74 2.91
CA CYS C 44 -5.13 5.30 3.09
C CYS C 44 -6.34 4.93 2.25
N HIS C 45 -6.51 3.63 2.00
CA HIS C 45 -7.60 3.16 1.18
C HIS C 45 -8.33 2.01 1.85
N SER C 46 -8.11 1.92 3.15
CA SER C 46 -8.51 0.76 3.97
C SER C 46 -9.70 0.98 4.86
N MET C 47 -10.27 2.19 4.84
CA MET C 47 -11.40 2.46 5.70
C MET C 47 -12.54 1.47 5.48
N THR C 48 -13.28 1.17 6.54
CA THR C 48 -14.55 0.48 6.40
C THR C 48 -15.44 1.25 5.39
N PRO C 49 -15.84 0.59 4.27
CA PRO C 49 -16.70 1.19 3.28
C PRO C 49 -17.92 1.85 3.95
N TRP C 50 -18.21 3.09 3.55
CA TRP C 50 -19.51 3.79 3.84
C TRP C 50 -19.55 4.31 5.27
N ASP C 51 -18.47 4.09 6.02
CA ASP C 51 -18.40 4.57 7.40
C ASP C 51 -17.81 5.99 7.39
N VAL C 52 -18.66 7.00 7.22
CA VAL C 52 -18.18 8.38 7.05
C VAL C 52 -17.45 8.92 8.29
N GLU C 53 -17.89 8.49 9.47
CA GLU C 53 -17.22 8.83 10.72
C GLU C 53 -15.76 8.37 10.77
N GLU C 54 -15.51 7.15 10.30
CA GLU C 54 -14.17 6.62 10.30
C GLU C 54 -13.32 7.33 9.26
N GLY C 55 -13.87 7.53 8.06
CA GLY C 55 -13.16 8.26 7.00
C GLY C 55 -12.78 9.67 7.45
N ALA C 56 -13.71 10.34 8.15
CA ALA C 56 -13.47 11.66 8.76
C ALA C 56 -12.19 11.67 9.59
N ARG C 57 -11.99 10.65 10.42
CA ARG C 57 -10.82 10.56 11.28
C ARG C 57 -9.49 10.50 10.54
N TYR C 58 -9.50 9.90 9.36
CA TYR C 58 -8.29 9.78 8.58
C TYR C 58 -7.93 11.04 7.81
N ILE C 59 -8.81 12.05 7.81
CA ILE C 59 -8.53 13.26 7.00
C ILE C 59 -8.49 14.59 7.78
N VAL C 60 -9.11 14.59 8.95
CA VAL C 60 -9.26 15.83 9.71
C VAL C 60 -7.93 16.43 10.20
N ASP C 61 -6.93 15.58 10.48
CA ASP C 61 -5.67 16.04 11.06
C ASP C 61 -4.58 16.35 10.01
N LEU C 62 -4.92 16.18 8.73
CA LEU C 62 -3.94 16.29 7.64
C LEU C 62 -3.33 17.68 7.36
N PRO C 63 -4.17 18.74 7.28
CA PRO C 63 -3.64 19.99 6.69
C PRO C 63 -2.28 20.52 7.21
N ARG C 64 -2.06 20.57 8.52
CA ARG C 64 -0.83 21.18 9.05
C ARG C 64 0.43 20.46 8.60
N PHE C 65 0.30 19.19 8.19
CA PHE C 65 1.44 18.39 7.76
C PHE C 65 1.85 18.64 6.32
N PHE C 66 0.93 19.18 5.53
CA PHE C 66 1.15 19.29 4.09
C PHE C 66 1.56 20.69 3.59
N PRO C 67 2.29 20.76 2.47
CA PRO C 67 2.51 22.08 1.84
C PRO C 67 1.23 22.79 1.51
N GLU C 68 1.23 24.11 1.65
CA GLU C 68 0.08 24.93 1.34
C GLU C 68 -0.29 24.72 -0.15
N GLY C 69 -1.58 24.66 -0.44
CA GLY C 69 -1.99 24.45 -1.83
C GLY C 69 -2.33 23.00 -2.09
N THR C 70 -2.09 22.13 -1.10
CA THR C 70 -2.42 20.70 -1.20
C THR C 70 -3.93 20.51 -1.33
N VAL C 71 -4.31 19.63 -2.24
CA VAL C 71 -5.72 19.26 -2.43
C VAL C 71 -5.98 17.88 -1.79
N PHE C 72 -6.98 17.80 -0.88
CA PHE C 72 -7.36 16.52 -0.28
C PHE C 72 -8.57 15.93 -1.02
N ALA C 73 -8.35 14.81 -1.72
CA ALA C 73 -9.38 14.07 -2.44
C ALA C 73 -9.85 12.93 -1.53
N THR C 74 -11.04 13.06 -0.98
CA THR C 74 -11.44 12.17 0.12
C THR C 74 -12.80 11.60 -0.15
N THR C 75 -12.91 10.27 -0.16
CA THR C 75 -14.16 9.68 -0.63
C THR C 75 -14.52 8.30 -0.04
N THR C 76 -15.76 8.18 0.44
CA THR C 76 -16.50 6.92 0.39
C THR C 76 -17.83 7.34 -0.25
N TYR C 77 -18.25 6.63 -1.29
CA TYR C 77 -19.34 7.13 -2.10
C TYR C 77 -20.51 6.15 -2.25
N PRO C 78 -21.16 5.75 -1.12
CA PRO C 78 -22.28 4.76 -1.26
C PRO C 78 -23.50 5.29 -2.05
N ALA C 79 -23.60 6.62 -2.23
CA ALA C 79 -24.64 7.20 -3.11
C ALA C 79 -24.17 7.43 -4.56
N THR C 80 -23.10 6.73 -4.95
CA THR C 80 -22.59 6.80 -6.32
C THR C 80 -23.67 6.47 -7.37
N GLY C 81 -23.68 7.21 -8.48
CA GLY C 81 -24.56 6.91 -9.61
C GLY C 81 -25.91 7.58 -9.46
N THR C 82 -26.08 8.35 -8.38
CA THR C 82 -27.30 9.11 -8.13
C THR C 82 -27.11 10.59 -8.53
N THR C 83 -28.15 11.40 -8.30
CA THR C 83 -28.15 12.81 -8.65
C THR C 83 -27.23 13.65 -7.71
N THR C 84 -26.76 13.03 -6.63
CA THR C 84 -25.81 13.69 -5.72
C THR C 84 -24.59 14.23 -6.45
N ARG C 85 -24.11 15.38 -5.99
CA ARG C 85 -22.85 15.92 -6.48
C ARG C 85 -21.90 16.17 -5.32
N SER C 86 -20.59 16.05 -5.58
CA SER C 86 -19.57 16.34 -4.59
C SER C 86 -19.58 17.82 -4.16
N VAL C 87 -18.97 18.06 -3.00
CA VAL C 87 -18.73 19.39 -2.47
C VAL C 87 -17.21 19.61 -2.51
N ALA C 88 -16.79 20.81 -2.91
CA ALA C 88 -15.39 21.21 -2.81
C ALA C 88 -15.30 22.47 -1.96
N VAL C 89 -14.48 22.42 -0.91
CA VAL C 89 -14.34 23.51 0.08
C VAL C 89 -12.90 23.94 0.24
N ARG C 90 -12.72 25.25 0.42
CA ARG C 90 -11.44 25.75 0.83
C ARG C 90 -11.54 25.99 2.32
N ILE C 91 -10.73 25.29 3.11
CA ILE C 91 -10.83 25.42 4.57
C ILE C 91 -10.14 26.70 5.04
N LYS C 92 -10.48 27.13 6.24
CA LYS C 92 -9.94 28.37 6.76
C LYS C 92 -8.67 28.11 7.56
N GLN C 93 -8.79 27.58 8.77
CA GLN C 93 -7.64 27.37 9.62
C GLN C 93 -7.01 26.02 9.36
N ALA C 94 -5.71 26.04 9.05
CA ALA C 94 -4.92 24.81 8.98
C ALA C 94 -5.03 24.01 10.27
N ALA C 95 -5.01 24.72 11.40
CA ALA C 95 -5.26 24.15 12.74
C ALA C 95 -4.09 23.35 13.31
N LYS C 96 -3.65 23.76 14.49
CA LYS C 96 -2.66 23.04 15.29
C LYS C 96 -3.29 21.73 15.80
N GLY C 97 -2.46 20.78 16.23
CA GLY C 97 -2.98 19.49 16.70
C GLY C 97 -1.98 18.79 17.58
N GLY C 98 -2.23 17.50 17.83
CA GLY C 98 -1.34 16.69 18.67
C GLY C 98 -1.80 16.63 20.12
N ALA C 99 -1.05 15.91 20.96
CA ALA C 99 -1.35 15.82 22.40
C ALA C 99 -1.49 17.22 23.00
N ARG C 100 -0.64 18.13 22.54
CA ARG C 100 -0.52 19.47 23.15
C ARG C 100 -1.21 20.60 22.39
N GLY C 101 -1.39 20.43 21.08
CA GLY C 101 -1.92 21.49 20.24
C GLY C 101 -0.83 22.41 19.70
N GLN C 102 -0.13 21.98 18.67
CA GLN C 102 1.00 22.71 18.14
C GLN C 102 1.10 22.56 16.61
N TRP C 103 1.90 23.43 15.99
CA TRP C 103 2.33 23.25 14.60
C TRP C 103 3.27 22.06 14.45
N ALA C 104 3.19 21.39 13.30
CA ALA C 104 4.03 20.24 12.98
C ALA C 104 5.38 20.65 12.38
N GLY C 105 6.38 19.77 12.45
CA GLY C 105 7.66 20.07 11.80
C GLY C 105 8.80 20.35 12.76
N SER C 106 9.98 20.54 12.21
CA SER C 106 11.20 20.77 12.98
C SER C 106 11.19 22.18 13.58
N GLY C 107 12.11 22.46 14.49
CA GLY C 107 12.12 23.76 15.17
C GLY C 107 10.82 24.01 15.93
N ALA C 108 10.30 25.22 15.80
CA ALA C 108 9.00 25.58 16.38
C ALA C 108 7.80 25.12 15.54
N GLY C 109 8.06 24.40 14.45
CA GLY C 109 7.01 23.90 13.59
C GLY C 109 6.79 24.79 12.38
N PHE C 110 5.95 24.32 11.45
CA PHE C 110 5.66 25.10 10.27
C PHE C 110 4.24 25.67 10.35
N GLU C 111 4.13 26.99 10.49
CA GLU C 111 2.82 27.63 10.48
C GLU C 111 2.27 27.60 9.08
N ARG C 112 0.97 27.37 8.96
CA ARG C 112 0.32 27.38 7.65
C ARG C 112 -0.65 28.55 7.53
N ALA C 113 -0.57 29.24 6.40
CA ALA C 113 -1.48 30.33 6.11
C ALA C 113 -2.92 29.83 6.10
N GLU C 114 -3.86 30.70 6.49
CA GLU C 114 -5.29 30.40 6.36
C GLU C 114 -5.66 30.26 4.88
N GLY C 115 -6.72 29.51 4.59
CA GLY C 115 -7.25 29.37 3.23
C GLY C 115 -6.34 28.59 2.28
N SER C 116 -5.48 27.74 2.81
CA SER C 116 -4.39 27.12 2.03
C SER C 116 -4.67 25.73 1.47
N TYR C 117 -5.83 25.14 1.75
CA TYR C 117 -6.11 23.73 1.43
C TYR C 117 -7.53 23.58 0.94
N ILE C 118 -7.71 22.73 -0.08
CA ILE C 118 -9.02 22.35 -0.59
C ILE C 118 -9.30 20.88 -0.27
N TYR C 119 -10.51 20.60 0.21
CA TYR C 119 -11.01 19.22 0.31
C TYR C 119 -12.11 19.08 -0.71
N ILE C 120 -12.16 17.92 -1.37
CA ILE C 120 -13.24 17.59 -2.27
C ILE C 120 -13.69 16.18 -1.93
N ALA C 121 -15.01 16.02 -1.81
CA ALA C 121 -15.58 14.84 -1.21
C ALA C 121 -17.03 14.71 -1.63
N PRO C 122 -17.60 13.49 -1.51
CA PRO C 122 -19.06 13.38 -1.59
C PRO C 122 -19.67 14.31 -0.53
N ASN C 123 -20.83 14.88 -0.85
CA ASN C 123 -21.57 15.66 0.12
C ASN C 123 -22.44 14.72 0.97
N ASN C 124 -21.80 13.92 1.81
CA ASN C 124 -22.51 12.89 2.57
C ASN C 124 -22.12 12.91 4.05
N GLY C 125 -21.47 13.99 4.48
CA GLY C 125 -21.06 14.12 5.86
C GLY C 125 -19.60 13.82 6.10
N LEU C 126 -18.88 13.35 5.08
CA LEU C 126 -17.50 12.93 5.27
C LEU C 126 -16.64 14.07 5.81
N LEU C 127 -16.97 15.29 5.38
CA LEU C 127 -16.21 16.48 5.80
C LEU C 127 -16.69 17.11 7.11
N THR C 128 -17.58 16.43 7.81
CA THR C 128 -18.17 16.99 9.03
C THR C 128 -17.10 17.57 9.99
N THR C 129 -16.14 16.74 10.40
CA THR C 129 -15.16 17.24 11.36
C THR C 129 -14.09 18.14 10.73
N VAL C 130 -13.82 17.97 9.44
CA VAL C 130 -12.97 18.90 8.71
C VAL C 130 -13.53 20.32 8.85
N LEU C 131 -14.82 20.48 8.59
CA LEU C 131 -15.42 21.82 8.63
C LEU C 131 -15.51 22.34 10.05
N GLU C 132 -15.79 21.44 10.98
CA GLU C 132 -15.93 21.77 12.38
C GLU C 132 -14.60 22.25 12.99
N GLU C 133 -13.50 21.58 12.65
CA GLU C 133 -12.22 21.89 13.27
C GLU C 133 -11.39 22.90 12.50
N HIS C 134 -11.69 23.11 11.22
CA HIS C 134 -10.91 24.02 10.39
C HIS C 134 -11.71 25.24 9.94
N GLY C 135 -13.04 25.13 9.95
CA GLY C 135 -13.89 26.16 9.32
C GLY C 135 -13.65 26.16 7.81
N TYR C 136 -14.39 26.98 7.09
CA TYR C 136 -14.18 27.11 5.65
C TYR C 136 -14.45 28.54 5.18
N LEU C 137 -13.87 28.88 4.05
CA LEU C 137 -14.01 30.18 3.44
C LEU C 137 -15.00 30.17 2.29
N GLU C 138 -15.06 29.04 1.58
CA GLU C 138 -15.95 28.88 0.43
C GLU C 138 -16.22 27.41 0.15
N ALA C 139 -17.40 27.12 -0.38
CA ALA C 139 -17.84 25.76 -0.66
C ALA C 139 -18.72 25.78 -1.91
N TYR C 140 -18.44 24.85 -2.81
CA TYR C 140 -19.12 24.77 -4.10
C TYR C 140 -19.54 23.34 -4.42
N GLU C 141 -20.68 23.24 -5.09
CA GLU C 141 -21.14 22.00 -5.64
C GLU C 141 -20.31 21.70 -6.89
N VAL C 142 -19.92 20.45 -7.08
CA VAL C 142 -19.07 20.09 -8.19
C VAL C 142 -19.92 19.56 -9.35
N THR C 143 -20.18 20.39 -10.34
CA THR C 143 -21.09 20.05 -11.45
C THR C 143 -20.56 20.30 -12.87
N SER C 144 -19.53 21.14 -12.97
CA SER C 144 -19.02 21.59 -14.28
C SER C 144 -18.39 20.46 -15.08
N PRO C 145 -18.81 20.31 -16.36
CA PRO C 145 -18.26 19.26 -17.22
C PRO C 145 -16.80 19.51 -17.53
N LYS C 146 -16.29 20.69 -17.14
CA LYS C 146 -14.84 20.99 -17.21
C LYS C 146 -14.02 20.15 -16.22
N VAL C 147 -14.67 19.69 -15.15
CA VAL C 147 -13.96 19.00 -14.08
C VAL C 147 -14.56 17.64 -13.69
N ILE C 148 -15.72 17.29 -14.23
CA ILE C 148 -16.28 15.95 -14.07
C ILE C 148 -16.70 15.40 -15.42
N PRO C 149 -16.88 14.05 -15.54
CA PRO C 149 -17.41 13.49 -16.78
C PRO C 149 -18.84 13.96 -17.12
N GLU C 150 -19.09 14.20 -18.40
CA GLU C 150 -20.44 14.45 -18.87
C GLU C 150 -21.29 13.17 -18.72
N GLN C 151 -20.66 12.00 -18.90
CA GLN C 151 -21.32 10.71 -18.66
C GLN C 151 -20.56 9.93 -17.56
N PRO C 152 -20.82 10.25 -16.29
CA PRO C 152 -20.04 9.58 -15.26
C PRO C 152 -20.38 8.10 -15.09
N GLU C 153 -19.36 7.30 -14.81
CA GLU C 153 -19.55 5.87 -14.50
C GLU C 153 -20.49 5.77 -13.28
N PRO C 154 -21.63 5.05 -13.42
CA PRO C 154 -22.59 4.95 -12.31
C PRO C 154 -22.02 4.49 -10.97
N THR C 155 -21.20 3.45 -10.96
CA THR C 155 -20.69 2.94 -9.69
C THR C 155 -19.35 3.49 -9.20
N PHE C 156 -18.76 4.48 -9.85
CA PHE C 156 -17.38 4.81 -9.48
C PHE C 156 -17.25 6.33 -9.27
N TYR C 157 -18.18 6.91 -8.51
CA TYR C 157 -18.22 8.38 -8.30
C TYR C 157 -17.01 8.93 -7.56
N GLY C 158 -16.32 8.11 -6.76
CA GLY C 158 -15.04 8.51 -6.14
C GLY C 158 -14.00 8.90 -7.19
N ARG C 159 -14.00 8.20 -8.31
CA ARG C 159 -13.14 8.53 -9.44
C ARG C 159 -13.73 9.72 -10.21
N GLU C 160 -15.01 9.64 -10.58
CA GLU C 160 -15.65 10.63 -11.47
C GLU C 160 -15.78 11.98 -10.81
N MET C 161 -16.16 11.96 -9.53
CA MET C 161 -16.62 13.17 -8.81
C MET C 161 -15.69 13.63 -7.73
N VAL C 162 -14.60 12.91 -7.51
CA VAL C 162 -13.59 13.32 -6.52
C VAL C 162 -12.19 13.33 -7.15
N ALA C 163 -11.73 12.17 -7.63
CA ALA C 163 -10.37 12.06 -8.18
C ALA C 163 -10.14 12.98 -9.37
N ILE C 164 -11.02 12.91 -10.36
CA ILE C 164 -10.89 13.74 -11.56
C ILE C 164 -10.92 15.24 -11.23
N PRO C 165 -11.99 15.73 -10.57
CA PRO C 165 -12.02 17.16 -10.28
C PRO C 165 -10.88 17.61 -9.39
N SER C 166 -10.44 16.76 -8.45
CA SER C 166 -9.30 17.10 -7.59
C SER C 166 -8.04 17.38 -8.40
N ALA C 167 -7.87 16.64 -9.50
CA ALA C 167 -6.71 16.84 -10.36
C ALA C 167 -6.80 18.15 -11.16
N HIS C 168 -8.01 18.51 -11.59
CA HIS C 168 -8.22 19.82 -12.19
C HIS C 168 -7.90 20.96 -11.22
N LEU C 169 -8.35 20.82 -9.96
CA LEU C 169 -8.05 21.80 -8.91
C LEU C 169 -6.56 21.91 -8.64
N ALA C 170 -5.87 20.77 -8.61
CA ALA C 170 -4.44 20.75 -8.38
C ALA C 170 -3.76 21.47 -9.55
N ALA C 171 -4.34 21.34 -10.75
CA ALA C 171 -3.77 21.96 -11.95
C ALA C 171 -4.06 23.47 -12.03
N GLY C 172 -4.74 24.01 -11.02
CA GLY C 172 -5.07 25.43 -10.98
C GLY C 172 -6.41 25.82 -11.59
N PHE C 173 -7.29 24.85 -11.88
CA PHE C 173 -8.66 25.18 -12.25
C PHE C 173 -9.30 25.97 -11.10
N PRO C 174 -9.90 27.16 -11.38
CA PRO C 174 -10.48 27.98 -10.29
C PRO C 174 -11.57 27.23 -9.51
N LEU C 175 -11.42 27.18 -8.20
CA LEU C 175 -12.38 26.54 -7.31
C LEU C 175 -13.82 27.03 -7.54
N SER C 176 -13.98 28.36 -7.67
CA SER C 176 -15.28 28.99 -7.80
C SER C 176 -15.98 28.64 -9.11
N GLU C 177 -15.24 28.02 -10.03
CA GLU C 177 -15.80 27.62 -11.32
C GLU C 177 -16.29 26.16 -11.38
N VAL C 178 -16.17 25.41 -10.28
CA VAL C 178 -16.62 23.99 -10.31
C VAL C 178 -18.15 23.81 -10.33
N GLY C 179 -18.88 24.83 -9.90
CA GLY C 179 -20.33 24.82 -9.82
C GLY C 179 -20.79 25.85 -8.81
N ARG C 180 -22.07 25.83 -8.46
CA ARG C 180 -22.64 26.93 -7.67
C ARG C 180 -22.15 26.92 -6.22
N PRO C 181 -22.17 28.09 -5.54
CA PRO C 181 -21.86 28.11 -4.11
C PRO C 181 -22.91 27.34 -3.32
N LEU C 182 -22.46 26.60 -2.33
CA LEU C 182 -23.38 25.91 -1.45
C LEU C 182 -23.54 26.71 -0.18
N GLU C 183 -24.77 26.84 0.28
CA GLU C 183 -25.03 27.39 1.60
C GLU C 183 -24.66 26.35 2.65
N ASP C 184 -24.45 26.83 3.87
CA ASP C 184 -24.00 25.96 4.95
C ASP C 184 -24.94 24.78 5.22
N HIS C 185 -26.26 25.05 5.24
CA HIS C 185 -27.25 24.00 5.50
C HIS C 185 -27.31 22.92 4.40
N GLU C 186 -26.75 23.23 3.23
CA GLU C 186 -26.75 22.29 2.12
C GLU C 186 -25.58 21.31 2.19
N ILE C 187 -24.66 21.55 3.13
CA ILE C 187 -23.54 20.65 3.34
C ILE C 187 -23.92 19.62 4.40
N VAL C 188 -24.01 18.36 4.01
CA VAL C 188 -24.45 17.30 4.90
C VAL C 188 -23.46 17.10 6.05
N ARG C 189 -24.01 16.97 7.26
CA ARG C 189 -23.24 16.69 8.46
C ARG C 189 -23.74 15.40 9.10
N PHE C 190 -22.83 14.62 9.68
CA PHE C 190 -23.23 13.58 10.61
C PHE C 190 -23.24 14.15 12.02
N ASN C 191 -23.99 13.53 12.92
CA ASN C 191 -23.95 13.95 14.31
C ASN C 191 -22.87 13.22 15.05
N ARG C 192 -22.02 13.99 15.72
CA ARG C 192 -20.94 13.42 16.49
C ARG C 192 -21.45 13.18 17.91
N PRO C 193 -21.24 11.96 18.44
CA PRO C 193 -21.68 11.66 19.82
C PRO C 193 -20.87 12.49 20.81
N ALA C 194 -21.55 13.21 21.69
CA ALA C 194 -20.86 14.06 22.65
C ALA C 194 -20.33 13.25 23.85
N VAL C 195 -19.23 13.71 24.44
CA VAL C 195 -18.75 13.18 25.69
C VAL C 195 -19.65 13.75 26.78
N GLU C 196 -20.19 12.87 27.62
CA GLU C 196 -21.10 13.25 28.70
C GLU C 196 -20.37 13.27 30.03
N GLN C 197 -20.68 14.24 30.88
CA GLN C 197 -20.26 14.11 32.29
C GLN C 197 -21.34 13.44 33.10
N ASP C 198 -20.89 12.48 33.90
CA ASP C 198 -21.77 11.60 34.68
C ASP C 198 -21.23 11.57 36.11
N GLY C 199 -21.73 12.48 36.94
CA GLY C 199 -21.05 12.78 38.18
C GLY C 199 -19.73 13.40 37.80
N GLU C 200 -18.65 12.79 38.27
CA GLU C 200 -17.32 13.30 38.02
C GLU C 200 -16.57 12.51 36.94
N ALA C 201 -17.22 11.44 36.47
CA ALA C 201 -16.72 10.64 35.34
C ALA C 201 -17.08 11.25 33.99
N LEU C 202 -16.19 11.05 33.03
CA LEU C 202 -16.45 11.39 31.64
C LEU C 202 -16.84 10.11 30.96
N VAL C 203 -17.95 10.14 30.22
CA VAL C 203 -18.40 8.96 29.49
C VAL C 203 -18.40 9.19 28.00
N GLY C 204 -17.66 8.32 27.31
CA GLY C 204 -17.51 8.36 25.86
C GLY C 204 -17.46 6.95 25.30
N VAL C 205 -16.84 6.82 24.13
CA VAL C 205 -16.71 5.53 23.46
C VAL C 205 -15.25 5.31 23.04
N VAL C 206 -14.92 4.06 22.77
CA VAL C 206 -13.73 3.72 22.00
C VAL C 206 -14.00 4.17 20.56
N SER C 207 -13.25 5.17 20.11
CA SER C 207 -13.40 5.69 18.76
C SER C 207 -12.65 4.86 17.68
N ALA C 208 -11.60 4.14 18.07
CA ALA C 208 -10.82 3.33 17.13
C ALA C 208 -9.87 2.45 17.90
N ILE C 209 -9.56 1.29 17.31
CA ILE C 209 -8.41 0.48 17.72
C ILE C 209 -7.26 0.93 16.82
N ASP C 210 -6.15 1.31 17.43
CA ASP C 210 -5.05 1.95 16.69
C ASP C 210 -4.15 0.83 16.16
N HIS C 211 -4.35 0.47 14.89
CA HIS C 211 -3.57 -0.58 14.27
C HIS C 211 -2.22 0.00 13.80
N PRO C 212 -1.17 -0.85 13.72
CA PRO C 212 -1.10 -2.27 14.03
C PRO C 212 -0.75 -2.63 15.45
N PHE C 213 -0.80 -1.65 16.36
CA PHE C 213 -0.38 -1.85 17.77
C PHE C 213 -1.44 -2.43 18.70
N GLY C 214 -2.71 -2.21 18.41
CA GLY C 214 -3.79 -2.61 19.33
C GLY C 214 -3.94 -1.64 20.50
N ASN C 215 -3.60 -0.36 20.28
CA ASN C 215 -3.90 0.66 21.28
C ASN C 215 -5.38 1.02 21.17
N VAL C 216 -5.96 1.49 22.27
CA VAL C 216 -7.37 1.83 22.30
C VAL C 216 -7.51 3.34 22.35
N TRP C 217 -8.20 3.90 21.36
CA TRP C 217 -8.42 5.33 21.31
C TRP C 217 -9.85 5.64 21.71
N THR C 218 -10.04 6.68 22.52
CA THR C 218 -11.42 7.12 22.85
C THR C 218 -11.72 8.48 22.21
N ASN C 219 -12.99 8.88 22.26
CA ASN C 219 -13.40 10.21 21.81
C ASN C 219 -13.30 11.27 22.92
N ILE C 220 -12.64 10.93 24.03
CA ILE C 220 -12.46 11.90 25.12
C ILE C 220 -11.25 12.75 24.82
N HIS C 221 -11.52 14.02 24.52
CA HIS C 221 -10.48 14.93 24.04
C HIS C 221 -9.72 15.54 25.23
N ARG C 222 -8.47 15.96 24.99
CA ARG C 222 -7.71 16.78 25.95
C ARG C 222 -8.56 17.87 26.64
N THR C 223 -9.34 18.60 25.84
CA THR C 223 -10.19 19.67 26.41
C THR C 223 -11.31 19.16 27.31
N ASP C 224 -11.87 17.98 27.02
CA ASP C 224 -12.83 17.34 27.90
C ASP C 224 -12.18 16.99 29.23
N LEU C 225 -10.95 16.50 29.17
CA LEU C 225 -10.16 16.26 30.37
C LEU C 225 -9.90 17.57 31.10
N GLU C 226 -9.49 18.61 30.36
CA GLU C 226 -9.19 19.92 30.95
C GLU C 226 -10.35 20.49 31.76
N LYS C 227 -11.56 20.36 31.21
CA LYS C 227 -12.78 20.83 31.86
C LYS C 227 -13.09 20.06 33.14
N ALA C 228 -12.67 18.79 33.17
CA ALA C 228 -12.91 17.92 34.32
C ALA C 228 -11.80 17.99 35.38
N GLY C 229 -10.83 18.87 35.17
CA GLY C 229 -9.70 19.04 36.08
C GLY C 229 -8.67 17.91 36.08
N ILE C 230 -8.44 17.31 34.92
CA ILE C 230 -7.52 16.18 34.77
C ILE C 230 -6.31 16.55 33.90
N GLY C 231 -5.09 16.48 34.46
CA GLY C 231 -3.83 16.72 33.71
C GLY C 231 -2.87 15.56 33.90
N TYR C 232 -1.73 15.61 33.22
CA TYR C 232 -0.72 14.57 33.37
C TYR C 232 -0.43 14.31 34.84
N GLY C 233 -0.31 13.04 35.20
CA GLY C 233 -0.01 12.65 36.58
C GLY C 233 -1.23 12.21 37.37
N ALA C 234 -2.42 12.63 36.94
CA ALA C 234 -3.65 12.20 37.61
C ALA C 234 -3.83 10.68 37.51
N ARG C 235 -4.04 10.02 38.64
CA ARG C 235 -4.40 8.61 38.63
C ARG C 235 -5.81 8.45 38.10
N LEU C 236 -5.96 7.67 37.04
CA LEU C 236 -7.27 7.47 36.44
C LEU C 236 -7.78 6.04 36.54
N ARG C 237 -9.09 5.89 36.69
CA ARG C 237 -9.72 4.60 36.40
C ARG C 237 -10.49 4.72 35.09
N LEU C 238 -10.10 3.87 34.15
CA LEU C 238 -10.69 3.86 32.82
C LEU C 238 -11.41 2.54 32.62
N THR C 239 -12.73 2.58 32.47
CA THR C 239 -13.45 1.34 32.25
C THR C 239 -13.94 1.22 30.83
N LEU C 240 -13.64 0.05 30.24
CA LEU C 240 -14.05 -0.22 28.86
C LEU C 240 -15.13 -1.25 28.79
N ASP C 241 -16.04 -1.04 27.84
CA ASP C 241 -17.13 -1.97 27.52
C ASP C 241 -18.00 -2.23 28.73
N GLY C 242 -18.01 -1.28 29.65
CA GLY C 242 -18.75 -1.44 30.91
C GLY C 242 -18.37 -2.67 31.72
N VAL C 243 -17.24 -3.30 31.40
CA VAL C 243 -16.81 -4.52 32.10
C VAL C 243 -15.35 -4.50 32.58
N LEU C 244 -14.46 -4.17 31.64
CA LEU C 244 -13.02 -4.32 31.81
C LEU C 244 -12.41 -3.04 32.36
N PRO C 245 -11.93 -3.08 33.63
CA PRO C 245 -11.35 -1.87 34.20
C PRO C 245 -9.80 -1.84 34.12
N PHE C 246 -9.25 -0.63 33.95
CA PHE C 246 -7.81 -0.36 34.00
C PHE C 246 -7.57 0.87 34.84
N GLU C 247 -6.41 0.94 35.48
CA GLU C 247 -6.01 2.04 36.35
C GLU C 247 -4.54 2.36 36.11
N ALA C 248 -4.26 3.66 35.92
CA ALA C 248 -2.92 4.14 35.66
C ALA C 248 -2.94 5.65 35.73
N PRO C 249 -1.77 6.26 36.02
CA PRO C 249 -1.65 7.72 35.87
C PRO C 249 -1.72 8.13 34.39
N LEU C 250 -2.25 9.32 34.12
CA LEU C 250 -2.17 9.93 32.78
C LEU C 250 -0.71 10.35 32.54
N THR C 251 -0.09 9.77 31.51
CA THR C 251 1.31 10.07 31.16
C THR C 251 1.45 10.46 29.69
N PRO C 252 2.54 11.19 29.34
CA PRO C 252 2.74 11.51 27.92
C PRO C 252 2.90 10.31 26.98
N THR C 253 3.55 9.23 27.42
CA THR C 253 3.89 8.16 26.49
C THR C 253 3.83 6.75 27.09
N PHE C 254 3.98 5.74 26.22
CA PHE C 254 3.88 4.32 26.54
C PHE C 254 4.91 3.89 27.60
N ALA C 255 6.19 4.23 27.37
CA ALA C 255 7.31 3.81 28.21
C ALA C 255 7.24 4.29 29.67
N ASP C 256 6.46 5.35 29.90
CA ASP C 256 6.20 5.88 31.23
C ASP C 256 5.55 4.84 32.16
N ALA C 257 4.90 3.83 31.58
CA ALA C 257 4.27 2.72 32.31
C ALA C 257 5.28 1.79 33.01
N GLY C 258 6.55 1.86 32.61
CA GLY C 258 7.59 1.08 33.25
C GLY C 258 7.85 -0.22 32.54
N GLU C 259 7.62 -1.35 33.21
CA GLU C 259 7.83 -2.67 32.58
C GLU C 259 7.01 -2.84 31.29
N ILE C 260 7.57 -3.60 30.34
CA ILE C 260 6.83 -4.04 29.16
C ILE C 260 5.54 -4.75 29.59
N GLY C 261 4.42 -4.39 28.96
CA GLY C 261 3.15 -5.02 29.27
C GLY C 261 2.27 -4.23 30.23
N ASN C 262 2.85 -3.29 30.97
CA ASN C 262 2.11 -2.43 31.91
C ASN C 262 1.19 -1.46 31.18
N ILE C 263 0.09 -1.09 31.84
CA ILE C 263 -0.92 -0.20 31.28
C ILE C 263 -0.42 1.23 31.21
N ALA C 264 -0.56 1.85 30.04
CA ALA C 264 -0.36 3.27 29.92
C ALA C 264 -1.67 3.94 29.52
N ILE C 265 -2.01 5.02 30.22
CA ILE C 265 -3.12 5.86 29.81
C ILE C 265 -2.52 7.20 29.43
N TYR C 266 -2.83 7.69 28.23
CA TYR C 266 -2.10 8.79 27.63
C TYR C 266 -2.96 9.62 26.67
N LEU C 267 -2.39 10.69 26.15
CA LEU C 267 -3.01 11.43 25.04
C LEU C 267 -2.33 11.05 23.73
N ASN C 268 -3.11 10.56 22.77
CA ASN C 268 -2.54 10.15 21.48
C ASN C 268 -2.11 11.38 20.63
N SER C 269 -1.53 11.12 19.47
CA SER C 269 -0.99 12.17 18.62
C SER C 269 -2.11 13.00 17.96
N ARG C 270 -3.36 12.60 18.18
CA ARG C 270 -4.50 13.35 17.63
C ARG C 270 -5.15 14.19 18.71
N GLY C 271 -4.68 14.03 19.94
CA GLY C 271 -5.17 14.81 21.07
C GLY C 271 -6.22 14.15 21.97
N TYR C 272 -6.40 12.83 21.86
CA TYR C 272 -7.46 12.11 22.58
C TYR C 272 -6.94 11.12 23.61
N LEU C 273 -7.68 11.01 24.71
CA LEU C 273 -7.46 10.01 25.73
C LEU C 273 -7.42 8.60 25.13
N SER C 274 -6.35 7.89 25.45
CA SER C 274 -6.10 6.57 24.89
C SER C 274 -5.53 5.67 25.98
N ILE C 275 -5.52 4.36 25.71
CA ILE C 275 -4.95 3.40 26.64
C ILE C 275 -4.29 2.27 25.85
N ALA C 276 -3.17 1.80 26.39
CA ALA C 276 -2.31 0.87 25.73
C ALA C 276 -1.62 0.05 26.80
N ARG C 277 -0.93 -1.01 26.36
CA ARG C 277 0.09 -1.67 27.14
C ARG C 277 1.41 -1.19 26.58
N ASN C 278 2.40 -1.03 27.43
CA ASN C 278 3.72 -0.62 27.00
C ASN C 278 4.43 -1.72 26.19
N ALA C 279 4.65 -1.44 24.90
CA ALA C 279 5.29 -2.37 23.96
C ALA C 279 4.66 -3.78 23.98
N ALA C 280 3.34 -3.80 24.16
CA ALA C 280 2.53 -4.99 24.02
C ALA C 280 1.17 -4.52 23.49
N SER C 281 0.41 -5.43 22.90
CA SER C 281 -0.94 -5.08 22.43
C SER C 281 -2.00 -5.21 23.52
N LEU C 282 -2.78 -4.15 23.74
CA LEU C 282 -3.88 -4.19 24.68
C LEU C 282 -5.12 -4.81 24.02
N ALA C 283 -5.45 -4.28 22.84
CA ALA C 283 -6.75 -4.56 22.21
C ALA C 283 -6.87 -5.99 21.68
N TYR C 284 -5.80 -6.50 21.08
CA TYR C 284 -5.86 -7.78 20.35
C TYR C 284 -6.12 -9.00 21.24
N PRO C 285 -5.33 -9.17 22.33
CA PRO C 285 -5.61 -10.32 23.21
C PRO C 285 -7.02 -10.31 23.82
N TYR C 286 -7.57 -9.11 24.09
CA TYR C 286 -8.89 -8.98 24.73
C TYR C 286 -10.02 -8.72 23.75
N HIS C 287 -9.66 -8.67 22.47
CA HIS C 287 -10.64 -8.40 21.41
C HIS C 287 -11.44 -7.14 21.68
N LEU C 288 -10.74 -6.07 22.05
CA LEU C 288 -11.42 -4.81 22.30
C LEU C 288 -11.83 -4.21 20.96
N LYS C 289 -12.96 -3.52 20.95
CA LYS C 289 -13.50 -3.02 19.68
C LYS C 289 -13.91 -1.54 19.72
N GLU C 290 -13.76 -0.88 18.56
CA GLU C 290 -14.46 0.38 18.24
C GLU C 290 -15.94 0.31 18.68
N GLY C 291 -16.43 1.34 19.39
CA GLY C 291 -17.84 1.41 19.79
C GLY C 291 -18.16 0.91 21.18
N MET C 292 -17.18 0.26 21.82
CA MET C 292 -17.30 -0.08 23.23
C MET C 292 -17.34 1.22 24.05
N SER C 293 -18.10 1.23 25.15
CA SER C 293 -18.12 2.38 26.02
C SER C 293 -16.75 2.58 26.66
N ALA C 294 -16.48 3.83 27.03
CA ALA C 294 -15.24 4.21 27.70
C ALA C 294 -15.59 5.28 28.72
N ARG C 295 -15.28 4.97 29.97
CA ARG C 295 -15.58 5.82 31.11
C ARG C 295 -14.28 6.15 31.84
N VAL C 296 -14.07 7.41 32.17
CA VAL C 296 -12.85 7.80 32.84
C VAL C 296 -13.18 8.67 34.04
N GLU C 297 -12.49 8.40 35.14
CA GLU C 297 -12.64 9.15 36.40
C GLU C 297 -11.31 9.27 37.18
N ALA C 298 -11.10 10.44 37.80
CA ALA C 298 -9.89 10.77 38.55
C ALA C 298 -9.77 9.90 39.79
#